data_1NBA
#
_entry.id   1NBA
#
_cell.length_a   136.220
_cell.length_b   122.290
_cell.length_c   70.870
_cell.angle_alpha   90.00
_cell.angle_beta   91.82
_cell.angle_gamma   90.00
#
_symmetry.space_group_name_H-M   'C 1 2 1'
#
loop_
_entity.id
_entity.type
_entity.pdbx_description
1 polymer 'N-CARBAMOYLSARCOSINE AMIDOHYDROLASE'
2 non-polymer 'SULFATE ION'
3 water water
#
_entity_poly.entity_id   1
_entity_poly.type   'polypeptide(L)'
_entity_poly.pdbx_seq_one_letter_code
;MTETSGTFNDIEARLAAVLEEAFEAGTSIYNERGFKRRIGYGNRPAVIHIDLANAWTQPGHPFSCPGMETIIPNVQRINE
AARAKGVPVFYTTNVYRNRDASSGTNDMGLWYSKIPTETLPADSYWAQIDDRIAPADGEVVIEKNRASAFPGTNLELFLT
SNRIDTLIVTGATAAGCVRHTVEDAIAKGFRPIIPRETIGDRVPGVVQWNLYDIDNKFGDVESTDSVVQYLDALPQFEDT
VPKTLSDPQPEVEAPADPVFAEQH
;
_entity_poly.pdbx_strand_id   A,B,C,D
#
loop_
_chem_comp.id
_chem_comp.type
_chem_comp.name
_chem_comp.formula
SO4 non-polymer 'SULFATE ION' 'O4 S -2'
#
# COMPACT_ATOMS: atom_id res chain seq x y z
N THR A 7 -27.44 22.91 -18.77
CA THR A 7 -28.58 22.03 -18.60
C THR A 7 -29.90 22.81 -18.45
N PHE A 8 -30.84 22.44 -19.31
CA PHE A 8 -32.15 23.05 -19.28
C PHE A 8 -32.82 22.69 -17.97
N ASN A 9 -33.56 23.67 -17.51
CA ASN A 9 -34.24 23.53 -16.25
C ASN A 9 -35.26 22.41 -16.19
N ASP A 10 -35.89 22.04 -17.30
CA ASP A 10 -36.79 20.90 -17.30
C ASP A 10 -36.05 19.60 -16.99
N ILE A 11 -34.79 19.48 -17.43
CA ILE A 11 -33.94 18.31 -17.18
C ILE A 11 -33.60 18.34 -15.70
N GLU A 12 -33.13 19.47 -15.15
CA GLU A 12 -32.82 19.58 -13.74
C GLU A 12 -33.97 19.21 -12.81
N ALA A 13 -35.13 19.76 -13.17
CA ALA A 13 -36.37 19.54 -12.43
C ALA A 13 -36.79 18.08 -12.46
N ARG A 14 -36.92 17.51 -13.65
CA ARG A 14 -37.32 16.12 -13.74
C ARG A 14 -36.27 15.19 -13.13
N LEU A 15 -34.98 15.49 -13.26
CA LEU A 15 -33.93 14.69 -12.65
C LEU A 15 -34.06 14.68 -11.14
N ALA A 16 -34.25 15.82 -10.46
CA ALA A 16 -34.38 15.79 -9.01
C ALA A 16 -35.52 14.89 -8.56
N ALA A 17 -36.63 14.97 -9.29
CA ALA A 17 -37.79 14.15 -9.00
C ALA A 17 -37.55 12.66 -9.19
N VAL A 18 -37.06 12.20 -10.35
CA VAL A 18 -36.88 10.76 -10.51
C VAL A 18 -35.78 10.28 -9.58
N LEU A 19 -34.75 11.08 -9.30
CA LEU A 19 -33.70 10.61 -8.40
C LEU A 19 -34.26 10.45 -7.00
N GLU A 20 -35.14 11.34 -6.58
CA GLU A 20 -35.75 11.20 -5.28
C GLU A 20 -36.56 9.89 -5.21
N GLU A 21 -37.28 9.56 -6.29
CA GLU A 21 -38.00 8.30 -6.32
C GLU A 21 -37.05 7.13 -6.16
N ALA A 22 -35.97 7.15 -6.94
CA ALA A 22 -34.96 6.11 -6.87
C ALA A 22 -34.27 6.01 -5.51
N PHE A 23 -34.00 7.13 -4.84
CA PHE A 23 -33.36 7.11 -3.55
C PHE A 23 -34.32 6.56 -2.51
N GLU A 24 -35.62 6.89 -2.55
CA GLU A 24 -36.60 6.31 -1.64
C GLU A 24 -36.64 4.79 -1.71
N ALA A 25 -36.83 4.30 -2.96
CA ALA A 25 -36.87 2.87 -3.27
C ALA A 25 -35.61 2.14 -2.82
N GLY A 26 -34.46 2.62 -3.29
CA GLY A 26 -33.18 2.06 -2.93
C GLY A 26 -32.97 2.04 -1.41
N THR A 27 -33.32 3.11 -0.70
CA THR A 27 -33.15 3.17 0.73
C THR A 27 -33.95 2.08 1.45
N SER A 28 -35.15 1.80 0.96
CA SER A 28 -35.96 0.76 1.56
C SER A 28 -35.29 -0.59 1.37
N ILE A 29 -34.84 -0.93 0.15
CA ILE A 29 -34.15 -2.20 -0.10
C ILE A 29 -32.92 -2.30 0.78
N TYR A 30 -32.03 -1.30 0.75
CA TYR A 30 -30.84 -1.28 1.58
C TYR A 30 -31.14 -1.53 3.04
N ASN A 31 -32.09 -0.79 3.59
CA ASN A 31 -32.43 -0.97 4.99
C ASN A 31 -32.93 -2.35 5.29
N GLU A 32 -33.79 -2.90 4.42
CA GLU A 32 -34.35 -4.23 4.60
C GLU A 32 -33.25 -5.27 4.66
N ARG A 33 -32.23 -5.11 3.81
CA ARG A 33 -31.09 -6.03 3.75
C ARG A 33 -30.00 -5.77 4.79
N GLY A 34 -29.98 -4.60 5.42
CA GLY A 34 -29.03 -4.32 6.48
C GLY A 34 -27.91 -3.38 6.06
N PHE A 35 -28.02 -2.72 4.92
CA PHE A 35 -27.01 -1.78 4.47
C PHE A 35 -27.35 -0.40 5.03
N LYS A 36 -26.57 0.63 4.69
CA LYS A 36 -26.81 2.02 5.09
C LYS A 36 -26.80 2.27 6.59
N ARG A 37 -26.00 1.46 7.29
CA ARG A 37 -25.83 1.58 8.73
C ARG A 37 -25.05 2.86 9.04
N ARG A 38 -25.00 3.32 10.27
CA ARG A 38 -24.27 4.52 10.58
C ARG A 38 -22.90 4.18 11.11
N ILE A 39 -21.84 4.68 10.46
CA ILE A 39 -20.49 4.46 10.98
C ILE A 39 -20.25 5.28 12.25
N GLY A 40 -20.78 6.50 12.29
CA GLY A 40 -20.69 7.31 13.49
C GLY A 40 -19.35 8.05 13.58
N TYR A 41 -19.38 9.14 14.32
CA TYR A 41 -18.21 9.94 14.56
C TYR A 41 -17.36 9.17 15.54
N GLY A 42 -16.05 9.26 15.38
CA GLY A 42 -15.15 8.66 16.32
C GLY A 42 -14.77 9.73 17.32
N ASN A 43 -13.63 9.60 17.99
CA ASN A 43 -13.22 10.53 19.02
C ASN A 43 -11.96 11.30 18.74
N ARG A 44 -11.30 11.13 17.60
CA ARG A 44 -10.01 11.77 17.37
C ARG A 44 -9.92 12.01 15.88
N PRO A 45 -10.46 13.14 15.38
CA PRO A 45 -10.64 13.39 13.96
C PRO A 45 -9.56 14.18 13.26
N ALA A 46 -9.61 14.19 11.93
CA ALA A 46 -8.78 15.04 11.12
C ALA A 46 -9.73 15.53 10.06
N VAL A 47 -9.44 16.71 9.51
CA VAL A 47 -10.24 17.29 8.46
C VAL A 47 -9.40 17.26 7.19
N ILE A 48 -9.94 16.89 6.04
CA ILE A 48 -9.17 16.99 4.82
C ILE A 48 -10.06 17.68 3.79
N HIS A 49 -9.52 18.74 3.18
CA HIS A 49 -10.22 19.49 2.16
C HIS A 49 -9.67 19.02 0.80
N ILE A 50 -10.44 18.27 0.03
CA ILE A 50 -10.04 17.71 -1.25
C ILE A 50 -10.12 18.74 -2.38
N ASP A 51 -8.95 19.12 -2.87
CA ASP A 51 -8.78 19.98 -4.02
C ASP A 51 -9.57 21.29 -4.06
N LEU A 52 -9.59 22.05 -2.97
CA LEU A 52 -10.22 23.36 -2.99
C LEU A 52 -9.11 24.35 -3.25
N ALA A 53 -8.59 24.11 -4.46
CA ALA A 53 -7.47 24.85 -5.00
C ALA A 53 -8.02 25.64 -6.17
N ASN A 54 -7.30 26.65 -6.64
CA ASN A 54 -7.82 27.55 -7.67
C ASN A 54 -8.31 26.95 -8.95
N ALA A 55 -7.77 25.82 -9.40
CA ALA A 55 -8.28 25.19 -10.62
C ALA A 55 -9.70 24.66 -10.53
N TRP A 56 -10.15 24.41 -9.29
CA TRP A 56 -11.49 23.92 -9.03
C TRP A 56 -12.33 25.09 -8.53
N THR A 57 -11.81 25.90 -7.59
CA THR A 57 -12.59 26.99 -7.03
C THR A 57 -12.75 28.25 -7.89
N GLN A 58 -11.84 28.52 -8.82
CA GLN A 58 -11.92 29.71 -9.65
C GLN A 58 -12.46 29.27 -11.01
N PRO A 59 -13.23 30.10 -11.69
CA PRO A 59 -13.67 29.84 -13.06
C PRO A 59 -12.56 29.93 -14.07
N GLY A 60 -12.84 29.41 -15.25
CA GLY A 60 -11.92 29.51 -16.35
C GLY A 60 -10.91 28.39 -16.44
N HIS A 61 -10.95 27.34 -15.63
CA HIS A 61 -10.02 26.25 -15.78
C HIS A 61 -10.87 25.07 -16.25
N PRO A 62 -10.39 24.03 -16.96
CA PRO A 62 -11.22 22.86 -17.29
C PRO A 62 -11.72 22.02 -16.12
N PHE A 63 -11.22 22.28 -14.92
CA PHE A 63 -11.63 21.54 -13.75
C PHE A 63 -12.52 22.44 -12.90
N SER A 64 -12.88 23.64 -13.35
CA SER A 64 -13.65 24.55 -12.50
C SER A 64 -15.00 23.99 -12.06
N CYS A 65 -15.28 24.02 -10.76
CA CYS A 65 -16.55 23.59 -10.23
C CYS A 65 -17.37 24.82 -9.84
N PRO A 66 -18.62 24.96 -10.29
CA PRO A 66 -19.56 25.95 -9.75
C PRO A 66 -19.99 25.76 -8.29
N GLY A 67 -20.75 26.70 -7.73
CA GLY A 67 -21.28 26.51 -6.38
C GLY A 67 -20.33 26.87 -5.25
N MET A 68 -19.14 27.37 -5.56
CA MET A 68 -18.18 27.72 -4.51
C MET A 68 -18.66 28.74 -3.48
N GLU A 69 -19.66 29.49 -3.90
CA GLU A 69 -20.29 30.53 -3.08
C GLU A 69 -20.97 29.90 -1.87
N THR A 70 -21.47 28.67 -2.02
CA THR A 70 -22.06 27.91 -0.92
C THR A 70 -21.03 27.02 -0.21
N ILE A 71 -20.05 26.46 -0.94
CA ILE A 71 -19.06 25.57 -0.36
C ILE A 71 -18.11 26.30 0.54
N ILE A 72 -17.50 27.40 0.07
CA ILE A 72 -16.50 28.11 0.87
C ILE A 72 -16.95 28.55 2.27
N PRO A 73 -18.07 29.26 2.54
CA PRO A 73 -18.41 29.67 3.90
C PRO A 73 -18.62 28.50 4.85
N ASN A 74 -19.14 27.38 4.34
CA ASN A 74 -19.32 26.16 5.13
C ASN A 74 -17.98 25.50 5.45
N VAL A 75 -17.03 25.46 4.50
CA VAL A 75 -15.69 24.94 4.76
C VAL A 75 -15.08 25.78 5.87
N GLN A 76 -15.24 27.11 5.77
CA GLN A 76 -14.72 28.00 6.80
C GLN A 76 -15.32 27.72 8.17
N ARG A 77 -16.61 27.39 8.26
CA ARG A 77 -17.21 27.05 9.55
C ARG A 77 -16.51 25.84 10.13
N ILE A 78 -16.20 24.84 9.30
CA ILE A 78 -15.48 23.65 9.75
C ILE A 78 -14.08 24.01 10.21
N ASN A 79 -13.34 24.77 9.39
CA ASN A 79 -11.99 25.17 9.75
C ASN A 79 -11.95 25.90 11.07
N GLU A 80 -12.84 26.87 11.30
CA GLU A 80 -12.91 27.63 12.55
C GLU A 80 -13.15 26.71 13.74
N ALA A 81 -14.05 25.72 13.61
CA ALA A 81 -14.32 24.80 14.71
C ALA A 81 -13.17 23.84 14.99
N ALA A 82 -12.49 23.43 13.93
CA ALA A 82 -11.36 22.51 14.02
C ALA A 82 -10.12 23.16 14.63
N ARG A 83 -9.76 24.30 14.07
CA ARG A 83 -8.61 25.06 14.53
C ARG A 83 -8.75 25.37 15.99
N ALA A 84 -9.95 25.71 16.45
CA ALA A 84 -10.21 25.97 17.86
C ALA A 84 -9.83 24.80 18.77
N LYS A 85 -9.93 23.58 18.25
CA LYS A 85 -9.62 22.39 19.04
C LYS A 85 -8.24 21.80 18.82
N GLY A 86 -7.50 22.35 17.84
CA GLY A 86 -6.19 21.83 17.49
C GLY A 86 -6.27 20.57 16.62
N VAL A 87 -7.38 20.38 15.93
CA VAL A 87 -7.60 19.24 15.06
C VAL A 87 -6.71 19.37 13.81
N PRO A 88 -6.05 18.30 13.32
CA PRO A 88 -5.27 18.30 12.08
C PRO A 88 -6.17 18.60 10.89
N VAL A 89 -5.70 19.49 10.04
CA VAL A 89 -6.43 19.87 8.86
C VAL A 89 -5.40 19.61 7.75
N PHE A 90 -5.81 18.90 6.70
CA PHE A 90 -4.97 18.55 5.59
C PHE A 90 -5.68 19.15 4.39
N TYR A 91 -4.95 19.58 3.37
CA TYR A 91 -5.49 20.12 2.16
C TYR A 91 -4.86 19.33 1.04
N THR A 92 -5.50 18.98 -0.07
CA THR A 92 -4.79 18.34 -1.16
C THR A 92 -4.93 19.23 -2.39
N THR A 93 -4.01 19.09 -3.35
CA THR A 93 -4.12 19.75 -4.64
C THR A 93 -3.58 18.68 -5.58
N ASN A 94 -4.28 18.51 -6.69
CA ASN A 94 -3.99 17.43 -7.61
C ASN A 94 -3.19 18.06 -8.73
N VAL A 95 -1.86 18.01 -8.69
CA VAL A 95 -1.01 18.71 -9.65
C VAL A 95 0.13 17.82 -10.11
N TYR A 96 0.72 18.16 -11.25
CA TYR A 96 1.76 17.34 -11.84
C TYR A 96 3.05 18.11 -12.13
N ARG A 97 4.17 17.52 -11.70
CA ARG A 97 5.51 18.03 -11.92
C ARG A 97 5.98 17.76 -13.37
N ASN A 98 5.63 16.65 -14.00
CA ASN A 98 6.03 16.40 -15.37
C ASN A 98 4.85 15.89 -16.15
N ARG A 99 4.39 16.79 -17.01
CA ARG A 99 3.21 16.53 -17.80
C ARG A 99 3.47 16.02 -19.21
N ASP A 100 4.57 15.33 -19.49
CA ASP A 100 4.76 14.84 -20.84
C ASP A 100 4.52 13.35 -20.76
N ALA A 101 3.42 12.90 -21.36
CA ALA A 101 3.06 11.50 -21.37
C ALA A 101 4.11 10.58 -21.97
N SER A 102 4.96 11.10 -22.85
CA SER A 102 6.04 10.30 -23.44
C SER A 102 7.25 10.11 -22.53
N SER A 103 7.31 10.83 -21.40
CA SER A 103 8.44 10.77 -20.51
C SER A 103 8.31 9.68 -19.46
N GLY A 104 9.47 9.10 -19.17
CA GLY A 104 9.62 8.04 -18.19
C GLY A 104 9.51 8.55 -16.76
N THR A 105 9.55 9.85 -16.52
CA THR A 105 9.36 10.37 -15.17
C THR A 105 8.14 11.27 -15.14
N ASN A 106 7.22 11.09 -16.10
CA ASN A 106 5.98 11.87 -16.07
C ASN A 106 5.22 11.33 -14.87
N ASP A 107 4.48 12.16 -14.13
CA ASP A 107 3.78 11.63 -12.98
C ASP A 107 2.28 11.52 -13.21
N MET A 108 1.82 11.52 -14.46
CA MET A 108 0.39 11.49 -14.70
C MET A 108 -0.17 10.08 -14.86
N GLY A 109 0.72 9.14 -15.21
CA GLY A 109 0.37 7.74 -15.33
C GLY A 109 -0.82 7.52 -16.25
N LEU A 110 -1.74 6.63 -15.94
CA LEU A 110 -2.84 6.41 -16.84
C LEU A 110 -4.01 7.35 -16.64
N TRP A 111 -4.02 8.28 -15.67
CA TRP A 111 -5.16 9.15 -15.49
C TRP A 111 -5.30 10.16 -16.63
N TYR A 112 -4.15 10.44 -17.26
CA TYR A 112 -4.08 11.26 -18.46
C TYR A 112 -4.89 10.61 -19.59
N SER A 113 -5.17 9.30 -19.58
CA SER A 113 -5.95 8.72 -20.67
C SER A 113 -7.44 8.82 -20.41
N LYS A 114 -7.84 9.51 -19.35
CA LYS A 114 -9.24 9.65 -19.03
C LYS A 114 -9.63 11.09 -18.83
N ILE A 115 -8.84 11.88 -18.10
CA ILE A 115 -9.17 13.27 -17.82
C ILE A 115 -8.01 14.15 -18.25
N PRO A 116 -8.13 15.47 -18.39
CA PRO A 116 -7.04 16.29 -18.90
C PRO A 116 -5.99 16.66 -17.86
N THR A 117 -5.25 15.69 -17.31
CA THR A 117 -4.21 15.97 -16.31
C THR A 117 -3.14 16.98 -16.71
N GLU A 118 -2.85 17.10 -18.02
CA GLU A 118 -1.86 18.05 -18.54
C GLU A 118 -2.20 19.49 -18.21
N THR A 119 -3.41 19.82 -17.80
CA THR A 119 -3.75 21.19 -17.50
C THR A 119 -3.48 21.59 -16.05
N LEU A 120 -2.91 20.69 -15.24
CA LEU A 120 -2.69 20.97 -13.83
C LEU A 120 -1.23 21.03 -13.39
N PRO A 121 -0.50 22.09 -13.74
CA PRO A 121 0.91 22.25 -13.40
C PRO A 121 1.13 22.47 -11.92
N ALA A 122 2.12 21.81 -11.34
CA ALA A 122 2.48 22.09 -9.96
C ALA A 122 3.03 23.51 -9.91
N ASP A 123 2.90 24.16 -8.76
CA ASP A 123 3.34 25.52 -8.52
C ASP A 123 2.69 26.65 -9.32
N SER A 124 1.74 26.41 -10.24
CA SER A 124 1.03 27.50 -10.86
C SER A 124 -0.06 28.05 -9.94
N TYR A 125 -0.68 29.16 -10.37
CA TYR A 125 -1.83 29.77 -9.69
C TYR A 125 -2.87 28.71 -9.36
N TRP A 126 -3.23 28.00 -10.43
CA TRP A 126 -4.22 26.96 -10.36
C TRP A 126 -3.96 25.89 -9.31
N ALA A 127 -2.71 25.69 -8.94
CA ALA A 127 -2.34 24.70 -7.95
C ALA A 127 -2.47 25.22 -6.53
N GLN A 128 -2.60 26.51 -6.30
CA GLN A 128 -2.64 27.02 -4.94
C GLN A 128 -4.00 26.85 -4.32
N ILE A 129 -4.01 26.75 -2.99
CA ILE A 129 -5.25 26.60 -2.22
C ILE A 129 -5.93 27.96 -2.26
N ASP A 130 -7.26 27.92 -2.32
CA ASP A 130 -8.03 29.13 -2.42
C ASP A 130 -7.75 30.03 -1.20
N ASP A 131 -7.58 31.30 -1.51
CA ASP A 131 -7.22 32.31 -0.51
C ASP A 131 -8.25 32.51 0.59
N ARG A 132 -9.53 32.29 0.24
CA ARG A 132 -10.62 32.37 1.22
C ARG A 132 -10.48 31.34 2.34
N ILE A 133 -9.73 30.24 2.14
CA ILE A 133 -9.56 29.18 3.13
C ILE A 133 -8.08 28.84 3.24
N ALA A 134 -7.22 29.86 3.11
CA ALA A 134 -5.78 29.69 3.20
C ALA A 134 -5.33 28.83 4.38
N PRO A 135 -4.43 27.85 4.21
CA PRO A 135 -3.91 27.01 5.28
C PRO A 135 -3.32 27.83 6.42
N ALA A 136 -3.53 27.34 7.64
CA ALA A 136 -3.00 27.99 8.81
C ALA A 136 -1.68 27.31 9.08
N ASP A 137 -0.89 27.89 9.97
CA ASP A 137 0.42 27.34 10.25
C ASP A 137 0.23 26.02 10.99
N GLY A 138 0.87 25.01 10.40
CA GLY A 138 0.84 23.65 10.91
C GLY A 138 -0.12 22.77 10.13
N GLU A 139 -0.93 23.28 9.22
CA GLU A 139 -1.84 22.45 8.45
C GLU A 139 -1.07 21.89 7.28
N VAL A 140 -1.41 20.72 6.74
CA VAL A 140 -0.60 20.09 5.72
C VAL A 140 -1.20 20.26 4.35
N VAL A 141 -0.44 20.66 3.34
CA VAL A 141 -0.97 20.70 2.00
C VAL A 141 -0.32 19.48 1.34
N ILE A 142 -1.05 18.61 0.67
CA ILE A 142 -0.49 17.42 0.07
C ILE A 142 -0.66 17.59 -1.42
N GLU A 143 0.39 17.36 -2.20
CA GLU A 143 0.25 17.38 -3.64
C GLU A 143 -0.02 15.92 -3.96
N LYS A 144 -1.00 15.59 -4.77
CA LYS A 144 -1.37 14.22 -5.04
C LYS A 144 -1.44 14.01 -6.54
N ASN A 145 -1.41 12.78 -7.04
CA ASN A 145 -1.40 12.55 -8.48
C ASN A 145 -2.55 11.72 -8.97
N ARG A 146 -3.32 11.14 -8.06
CA ARG A 146 -4.44 10.29 -8.46
C ARG A 146 -5.68 10.80 -7.74
N ALA A 147 -6.88 10.33 -8.10
CA ALA A 147 -8.13 10.78 -7.49
C ALA A 147 -8.20 10.71 -5.97
N SER A 148 -7.99 9.54 -5.37
CA SER A 148 -8.02 9.49 -3.93
C SER A 148 -6.82 10.22 -3.36
N ALA A 149 -7.00 10.79 -2.18
CA ALA A 149 -5.91 11.40 -1.47
C ALA A 149 -4.88 10.39 -0.99
N PHE A 150 -5.16 9.10 -0.95
CA PHE A 150 -4.20 8.14 -0.44
C PHE A 150 -3.17 7.61 -1.44
N PRO A 151 -3.39 7.18 -2.69
CA PRO A 151 -2.35 6.64 -3.55
C PRO A 151 -1.18 7.59 -3.83
N GLY A 152 0.02 7.15 -3.52
CA GLY A 152 1.21 7.92 -3.73
C GLY A 152 1.43 9.07 -2.75
N THR A 153 0.72 9.20 -1.62
CA THR A 153 0.98 10.32 -0.75
C THR A 153 1.32 9.74 0.62
N ASN A 154 1.70 10.61 1.55
CA ASN A 154 1.94 10.20 2.93
C ASN A 154 0.74 10.35 3.86
N LEU A 155 -0.49 10.57 3.37
CA LEU A 155 -1.63 10.75 4.25
C LEU A 155 -1.80 9.63 5.25
N GLU A 156 -1.80 8.38 4.76
CA GLU A 156 -1.98 7.23 5.64
C GLU A 156 -0.88 7.17 6.67
N LEU A 157 0.33 7.69 6.42
CA LEU A 157 1.37 7.64 7.44
C LEU A 157 0.98 8.55 8.59
N PHE A 158 0.42 9.74 8.30
CA PHE A 158 -0.01 10.65 9.35
C PHE A 158 -1.13 10.03 10.16
N LEU A 159 -2.14 9.56 9.44
CA LEU A 159 -3.35 9.03 10.05
C LEU A 159 -3.07 7.81 10.89
N THR A 160 -2.33 6.79 10.43
CA THR A 160 -2.03 5.66 11.29
C THR A 160 -1.06 6.00 12.39
N SER A 161 0.08 6.65 12.16
CA SER A 161 1.03 6.96 13.21
C SER A 161 0.47 7.89 14.26
N ASN A 162 -0.53 8.75 13.98
CA ASN A 162 -1.08 9.62 15.01
C ASN A 162 -2.46 9.20 15.52
N ARG A 163 -2.86 7.95 15.26
CA ARG A 163 -4.07 7.32 15.80
C ARG A 163 -5.37 8.09 15.57
N ILE A 164 -5.57 8.51 14.34
CA ILE A 164 -6.75 9.28 13.94
C ILE A 164 -7.85 8.28 13.69
N ASP A 165 -9.07 8.41 14.22
CA ASP A 165 -10.12 7.45 13.87
C ASP A 165 -11.18 8.00 12.95
N THR A 166 -11.26 9.31 12.71
CA THR A 166 -12.32 9.87 11.89
C THR A 166 -11.77 10.85 10.87
N LEU A 167 -12.34 10.89 9.67
CA LEU A 167 -11.84 11.78 8.65
C LEU A 167 -13.03 12.53 8.07
N ILE A 168 -13.04 13.84 8.29
CA ILE A 168 -14.08 14.72 7.76
C ILE A 168 -13.62 15.09 6.37
N VAL A 169 -14.36 14.74 5.33
CA VAL A 169 -13.86 14.97 3.98
C VAL A 169 -14.65 16.06 3.32
N THR A 170 -14.08 17.12 2.77
CA THR A 170 -14.87 18.13 2.09
C THR A 170 -14.29 18.28 0.69
N GLY A 171 -14.92 19.01 -0.23
CA GLY A 171 -14.25 19.36 -1.47
C GLY A 171 -14.83 18.91 -2.80
N ALA A 172 -13.94 18.80 -3.79
CA ALA A 172 -14.34 18.52 -5.17
C ALA A 172 -13.65 17.34 -5.83
N THR A 173 -14.17 16.49 -6.70
CA THR A 173 -15.58 16.48 -7.05
C THR A 173 -16.22 15.26 -6.39
N ALA A 174 -17.55 15.28 -6.31
CA ALA A 174 -18.34 14.16 -5.81
C ALA A 174 -18.15 12.92 -6.67
N ALA A 175 -18.18 13.04 -8.00
CA ALA A 175 -18.02 11.89 -8.87
C ALA A 175 -16.57 11.61 -9.20
N GLY A 176 -15.60 12.09 -8.41
CA GLY A 176 -14.20 11.86 -8.70
C GLY A 176 -13.45 11.66 -7.40
N CYS A 177 -12.58 12.63 -7.11
CA CYS A 177 -11.75 12.57 -5.93
C CYS A 177 -12.39 12.41 -4.54
N VAL A 178 -13.59 12.92 -4.28
CA VAL A 178 -14.14 12.80 -2.93
C VAL A 178 -14.60 11.37 -2.71
N ARG A 179 -15.31 10.77 -3.68
CA ARG A 179 -15.78 9.41 -3.51
C ARG A 179 -14.61 8.45 -3.39
N HIS A 180 -13.60 8.44 -4.30
CA HIS A 180 -12.51 7.51 -4.15
C HIS A 180 -11.78 7.77 -2.81
N THR A 181 -11.61 9.00 -2.31
CA THR A 181 -10.99 9.17 -0.99
C THR A 181 -11.82 8.54 0.12
N VAL A 182 -13.16 8.64 0.07
CA VAL A 182 -14.00 8.09 1.12
C VAL A 182 -13.92 6.56 1.10
N GLU A 183 -14.06 5.93 -0.08
CA GLU A 183 -13.97 4.49 -0.17
C GLU A 183 -12.64 4.00 0.38
N ASP A 184 -11.54 4.66 0.03
CA ASP A 184 -10.25 4.27 0.58
C ASP A 184 -10.19 4.42 2.08
N ALA A 185 -10.63 5.56 2.64
CA ALA A 185 -10.56 5.77 4.07
C ALA A 185 -11.29 4.71 4.88
N ILE A 186 -12.53 4.31 4.50
CA ILE A 186 -13.23 3.31 5.30
C ILE A 186 -12.54 1.96 5.16
N ALA A 187 -12.02 1.62 3.97
CA ALA A 187 -11.28 0.38 3.75
C ALA A 187 -10.04 0.35 4.63
N LYS A 188 -9.31 1.46 4.69
CA LYS A 188 -8.09 1.52 5.47
C LYS A 188 -8.34 1.57 6.95
N GLY A 189 -9.47 2.10 7.39
CA GLY A 189 -9.77 2.07 8.82
C GLY A 189 -10.07 3.44 9.40
N PHE A 190 -10.62 4.38 8.65
CA PHE A 190 -10.86 5.70 9.21
C PHE A 190 -12.33 5.94 8.91
N ARG A 191 -13.10 6.42 9.88
CA ARG A 191 -14.54 6.68 9.71
C ARG A 191 -14.80 7.92 8.85
N PRO A 192 -15.35 7.86 7.62
CA PRO A 192 -15.54 9.03 6.79
C PRO A 192 -16.83 9.76 7.08
N ILE A 193 -16.78 11.05 7.41
CA ILE A 193 -17.97 11.86 7.58
C ILE A 193 -17.89 12.90 6.47
N ILE A 194 -18.94 13.06 5.68
CA ILE A 194 -18.95 13.99 4.56
C ILE A 194 -19.91 15.11 4.93
N PRO A 195 -19.51 16.36 5.16
CA PRO A 195 -20.45 17.48 5.34
C PRO A 195 -21.01 17.85 3.98
N ARG A 196 -22.25 17.44 3.77
CA ARG A 196 -22.98 17.57 2.52
C ARG A 196 -22.87 18.87 1.75
N GLU A 197 -22.84 19.97 2.49
CA GLU A 197 -22.79 21.28 1.85
C GLU A 197 -21.41 21.63 1.31
N THR A 198 -20.33 20.97 1.72
CA THR A 198 -19.01 21.34 1.27
C THR A 198 -18.58 20.50 0.07
N ILE A 199 -19.51 19.86 -0.65
CA ILE A 199 -19.15 18.95 -1.73
C ILE A 199 -19.54 19.56 -3.05
N GLY A 200 -18.65 19.71 -4.01
CA GLY A 200 -19.03 20.29 -5.29
C GLY A 200 -18.77 19.38 -6.45
N ASP A 201 -19.24 19.81 -7.61
CA ASP A 201 -19.02 19.10 -8.85
C ASP A 201 -19.34 19.99 -10.05
N ARG A 202 -19.56 19.48 -11.26
CA ARG A 202 -19.70 20.31 -12.44
C ARG A 202 -20.69 19.85 -13.50
N VAL A 203 -21.43 18.76 -13.31
CA VAL A 203 -22.40 18.29 -14.30
C VAL A 203 -23.66 17.87 -13.53
N PRO A 204 -24.86 17.76 -14.10
CA PRO A 204 -26.06 17.41 -13.36
C PRO A 204 -26.12 16.02 -12.74
N GLY A 205 -26.75 15.96 -11.55
CA GLY A 205 -27.09 14.71 -10.88
C GLY A 205 -26.01 14.11 -10.01
N VAL A 206 -24.76 14.23 -10.44
CA VAL A 206 -23.64 13.61 -9.76
C VAL A 206 -23.48 13.85 -8.28
N VAL A 207 -23.81 15.02 -7.72
CA VAL A 207 -23.58 15.20 -6.30
C VAL A 207 -24.62 14.39 -5.55
N GLN A 208 -25.85 14.40 -6.07
CA GLN A 208 -26.93 13.67 -5.43
C GLN A 208 -26.65 12.19 -5.45
N TRP A 209 -26.47 11.57 -6.62
CA TRP A 209 -26.29 10.13 -6.63
C TRP A 209 -24.98 9.68 -6.03
N ASN A 210 -23.88 10.44 -6.10
CA ASN A 210 -22.68 10.01 -5.42
C ASN A 210 -22.81 10.20 -3.94
N LEU A 211 -23.42 11.25 -3.37
CA LEU A 211 -23.57 11.29 -1.93
C LEU A 211 -24.54 10.21 -1.46
N TYR A 212 -25.53 9.82 -2.29
CA TYR A 212 -26.40 8.70 -1.97
C TYR A 212 -25.57 7.41 -1.86
N ASP A 213 -24.78 7.04 -2.88
CA ASP A 213 -23.96 5.83 -2.85
C ASP A 213 -22.95 5.81 -1.68
N ILE A 214 -22.31 6.96 -1.40
CA ILE A 214 -21.39 7.02 -0.27
C ILE A 214 -22.15 6.72 1.00
N ASP A 215 -23.30 7.35 1.25
CA ASP A 215 -24.01 7.13 2.49
C ASP A 215 -24.48 5.68 2.68
N ASN A 216 -24.75 5.02 1.57
CA ASN A 216 -25.20 3.64 1.62
C ASN A 216 -24.12 2.62 1.99
N LYS A 217 -22.87 2.80 1.54
CA LYS A 217 -21.85 1.79 1.82
C LYS A 217 -20.50 2.28 2.34
N PHE A 218 -20.18 3.56 2.23
CA PHE A 218 -18.83 4.03 2.53
C PHE A 218 -18.70 5.08 3.62
N GLY A 219 -19.67 5.90 3.95
CA GLY A 219 -19.47 6.84 5.04
C GLY A 219 -20.76 7.53 5.41
N ASP A 220 -20.79 8.37 6.45
CA ASP A 220 -22.03 9.05 6.79
C ASP A 220 -22.02 10.46 6.24
N VAL A 221 -23.02 10.73 5.41
CA VAL A 221 -23.23 12.06 4.88
C VAL A 221 -24.01 12.80 5.98
N GLU A 222 -23.49 13.93 6.43
CA GLU A 222 -24.03 14.74 7.51
C GLU A 222 -24.21 16.18 7.06
N SER A 223 -24.80 17.03 7.89
CA SER A 223 -24.91 18.43 7.55
C SER A 223 -23.65 19.09 8.11
N THR A 224 -23.25 20.27 7.62
CA THR A 224 -22.08 20.96 8.13
C THR A 224 -22.44 21.32 9.56
N ASP A 225 -23.72 21.64 9.83
CA ASP A 225 -24.18 21.90 11.18
C ASP A 225 -23.84 20.75 12.10
N SER A 226 -24.19 19.51 11.76
CA SER A 226 -23.79 18.39 12.61
C SER A 226 -22.28 18.30 12.79
N VAL A 227 -21.48 18.52 11.74
CA VAL A 227 -20.03 18.39 11.87
C VAL A 227 -19.49 19.46 12.80
N VAL A 228 -19.98 20.69 12.68
CA VAL A 228 -19.52 21.78 13.51
C VAL A 228 -19.90 21.48 14.95
N GLN A 229 -21.13 21.04 15.23
CA GLN A 229 -21.52 20.70 16.60
C GLN A 229 -20.61 19.60 17.16
N TYR A 230 -20.26 18.58 16.39
CA TYR A 230 -19.34 17.55 16.86
C TYR A 230 -17.98 18.16 17.24
N LEU A 231 -17.39 18.94 16.35
CA LEU A 231 -16.10 19.54 16.57
C LEU A 231 -16.16 20.45 17.76
N ASP A 232 -17.25 21.21 17.89
CA ASP A 232 -17.37 22.11 19.02
C ASP A 232 -17.48 21.36 20.32
N ALA A 233 -17.98 20.12 20.33
CA ALA A 233 -18.04 19.37 21.56
C ALA A 233 -16.79 18.56 21.88
N LEU A 234 -15.75 18.55 21.04
CA LEU A 234 -14.55 17.77 21.33
C LEU A 234 -13.74 18.29 22.50
N PRO A 235 -13.01 17.46 23.26
CA PRO A 235 -11.90 17.94 24.07
C PRO A 235 -10.83 18.46 23.12
N GLN A 236 -9.80 19.13 23.64
CA GLN A 236 -8.72 19.62 22.80
C GLN A 236 -8.07 18.37 22.21
N PHE A 237 -7.64 18.40 20.95
CA PHE A 237 -7.11 17.23 20.28
C PHE A 237 -6.06 16.45 21.07
N GLU A 238 -5.21 17.16 21.78
CA GLU A 238 -4.16 16.59 22.62
C GLU A 238 -4.71 15.50 23.57
N ASP A 239 -5.94 15.68 23.99
CA ASP A 239 -6.58 14.81 24.95
C ASP A 239 -7.45 13.75 24.31
N THR A 240 -7.68 13.74 23.00
CA THR A 240 -8.58 12.75 22.44
C THR A 240 -7.90 11.39 22.29
N VAL A 241 -8.62 10.30 22.50
CA VAL A 241 -8.08 8.97 22.25
C VAL A 241 -9.07 8.34 21.29
N PRO A 242 -8.66 7.50 20.34
CA PRO A 242 -9.54 6.91 19.34
C PRO A 242 -10.47 5.81 19.85
N LYS A 243 -11.53 5.55 19.09
CA LYS A 243 -12.45 4.48 19.40
C LYS A 243 -11.73 3.24 18.86
N THR A 244 -11.51 2.24 19.70
CA THR A 244 -10.73 1.09 19.31
C THR A 244 -11.41 0.05 18.45
N LEU A 245 -12.73 0.01 18.30
CA LEU A 245 -13.36 -0.98 17.43
C LEU A 245 -14.59 -0.31 16.84
N SER A 246 -15.32 -0.99 15.98
CA SER A 246 -16.54 -0.47 15.41
C SER A 246 -17.63 -0.19 16.46
N ASP A 247 -18.57 0.67 16.07
CA ASP A 247 -19.73 0.93 16.88
C ASP A 247 -20.62 -0.29 16.67
N PRO A 248 -21.22 -0.82 17.73
CA PRO A 248 -22.17 -1.92 17.66
C PRO A 248 -23.30 -1.69 16.68
N GLN A 249 -23.65 -2.75 15.97
CA GLN A 249 -24.67 -2.65 14.95
C GLN A 249 -25.81 -3.63 15.16
N PRO A 250 -27.02 -3.31 14.68
CA PRO A 250 -28.12 -4.25 14.55
C PRO A 250 -27.74 -5.37 13.59
N GLU A 251 -27.42 -6.53 14.12
CA GLU A 251 -26.96 -7.61 13.26
C GLU A 251 -27.98 -8.45 12.54
N VAL A 252 -27.72 -8.63 11.26
CA VAL A 252 -28.50 -9.46 10.38
C VAL A 252 -27.87 -10.84 10.58
N GLU A 253 -28.65 -11.91 10.54
CA GLU A 253 -28.11 -13.24 10.75
C GLU A 253 -27.75 -13.83 9.40
N ALA A 254 -26.59 -14.49 9.34
CA ALA A 254 -26.15 -15.20 8.14
C ALA A 254 -27.16 -16.28 7.75
N PRO A 255 -27.64 -16.31 6.51
CA PRO A 255 -28.45 -17.39 5.98
C PRO A 255 -27.73 -18.71 6.07
N ALA A 256 -28.42 -19.73 6.56
CA ALA A 256 -27.85 -21.05 6.66
C ALA A 256 -27.71 -21.61 5.25
N ASP A 257 -26.71 -22.46 5.06
CA ASP A 257 -26.44 -23.07 3.77
C ASP A 257 -27.56 -24.04 3.47
N PRO A 258 -28.21 -24.02 2.30
CA PRO A 258 -29.32 -24.90 1.95
C PRO A 258 -29.07 -26.42 1.97
N VAL A 259 -27.81 -26.83 1.96
CA VAL A 259 -27.41 -28.22 1.99
C VAL A 259 -25.98 -28.23 2.49
N PHE B 8 -38.78 -4.00 -16.48
CA PHE B 8 -40.10 -3.80 -15.88
C PHE B 8 -40.08 -3.40 -14.40
N ASN B 9 -40.75 -2.28 -14.13
CA ASN B 9 -40.85 -1.67 -12.79
C ASN B 9 -41.61 -0.37 -13.01
N ASP B 10 -42.23 0.15 -11.95
CA ASP B 10 -43.02 1.38 -12.00
C ASP B 10 -42.12 2.58 -12.37
N ILE B 11 -41.07 2.79 -11.55
CA ILE B 11 -40.15 3.91 -11.73
C ILE B 11 -39.07 3.82 -12.78
N GLU B 12 -38.54 2.59 -12.95
CA GLU B 12 -37.37 2.37 -13.77
C GLU B 12 -37.37 2.84 -15.20
N ALA B 13 -38.52 2.74 -15.91
CA ALA B 13 -38.60 3.22 -17.28
C ALA B 13 -38.41 4.74 -17.32
N ARG B 14 -39.08 5.49 -16.43
CA ARG B 14 -38.92 6.93 -16.34
C ARG B 14 -37.52 7.30 -15.90
N LEU B 15 -37.03 6.70 -14.80
CA LEU B 15 -35.68 6.90 -14.29
C LEU B 15 -34.67 6.68 -15.41
N ALA B 16 -34.76 5.60 -16.17
CA ALA B 16 -33.83 5.31 -17.24
C ALA B 16 -33.87 6.40 -18.31
N ALA B 17 -35.09 6.77 -18.73
CA ALA B 17 -35.28 7.84 -19.70
C ALA B 17 -34.72 9.17 -19.21
N VAL B 18 -34.99 9.62 -17.99
CA VAL B 18 -34.49 10.91 -17.53
C VAL B 18 -32.99 10.84 -17.22
N LEU B 19 -32.45 9.74 -16.70
CA LEU B 19 -31.01 9.59 -16.51
C LEU B 19 -30.31 9.70 -17.86
N GLU B 20 -30.84 9.14 -18.96
CA GLU B 20 -30.23 9.34 -20.27
C GLU B 20 -30.12 10.83 -20.65
N GLU B 21 -31.16 11.63 -20.37
CA GLU B 21 -31.12 13.06 -20.67
C GLU B 21 -30.06 13.76 -19.83
N ALA B 22 -29.96 13.43 -18.55
CA ALA B 22 -28.94 14.00 -17.70
C ALA B 22 -27.56 13.59 -18.23
N PHE B 23 -27.42 12.36 -18.71
CA PHE B 23 -26.15 11.86 -19.20
C PHE B 23 -25.71 12.61 -20.43
N GLU B 24 -26.63 12.94 -21.33
CA GLU B 24 -26.33 13.72 -22.53
C GLU B 24 -25.71 15.08 -22.18
N ALA B 25 -26.42 15.74 -21.26
CA ALA B 25 -26.06 17.05 -20.78
C ALA B 25 -24.66 17.05 -20.21
N GLY B 26 -24.41 16.11 -19.29
CA GLY B 26 -23.11 15.96 -18.69
C GLY B 26 -22.04 15.59 -19.71
N THR B 27 -22.30 14.72 -20.68
CA THR B 27 -21.30 14.37 -21.68
C THR B 27 -20.90 15.59 -22.49
N SER B 28 -21.81 16.49 -22.84
CA SER B 28 -21.39 17.71 -23.51
C SER B 28 -20.39 18.51 -22.66
N ILE B 29 -20.66 18.77 -21.37
CA ILE B 29 -19.73 19.51 -20.51
C ILE B 29 -18.40 18.77 -20.43
N TYR B 30 -18.44 17.46 -20.19
CA TYR B 30 -17.24 16.65 -20.10
C TYR B 30 -16.39 16.69 -21.36
N ASN B 31 -17.05 16.54 -22.50
CA ASN B 31 -16.40 16.52 -23.79
C ASN B 31 -15.78 17.87 -24.06
N GLU B 32 -16.45 18.99 -23.79
CA GLU B 32 -15.86 20.30 -24.02
C GLU B 32 -14.62 20.48 -23.16
N ARG B 33 -14.64 20.00 -21.92
CA ARG B 33 -13.49 20.18 -21.05
C ARG B 33 -12.37 19.19 -21.26
N GLY B 34 -12.57 18.12 -22.01
CA GLY B 34 -11.50 17.18 -22.29
C GLY B 34 -11.50 16.01 -21.34
N PHE B 35 -12.63 15.74 -20.71
CA PHE B 35 -12.73 14.56 -19.87
C PHE B 35 -13.26 13.47 -20.80
N LYS B 36 -13.48 12.28 -20.24
CA LYS B 36 -14.07 11.15 -20.96
C LYS B 36 -13.23 10.67 -22.15
N ARG B 37 -11.91 10.69 -21.97
CA ARG B 37 -10.98 10.25 -23.02
C ARG B 37 -10.97 8.72 -23.00
N ARG B 38 -10.47 8.07 -24.03
CA ARG B 38 -10.41 6.61 -24.05
C ARG B 38 -9.08 6.14 -23.50
N ILE B 39 -9.10 5.28 -22.47
CA ILE B 39 -7.87 4.72 -21.96
C ILE B 39 -7.32 3.68 -22.94
N GLY B 40 -8.18 2.94 -23.63
CA GLY B 40 -7.74 1.99 -24.64
C GLY B 40 -7.36 0.65 -24.02
N TYR B 41 -7.45 -0.39 -24.82
CA TYR B 41 -7.05 -1.72 -24.38
C TYR B 41 -5.53 -1.75 -24.41
N GLY B 42 -4.89 -2.40 -23.44
CA GLY B 42 -3.46 -2.61 -23.50
C GLY B 42 -3.14 -3.94 -24.22
N ASN B 43 -1.95 -4.52 -24.04
CA ASN B 43 -1.56 -5.75 -24.74
C ASN B 43 -1.45 -7.03 -23.94
N ARG B 44 -1.29 -6.87 -22.63
CA ARG B 44 -1.15 -7.99 -21.71
C ARG B 44 -2.25 -7.89 -20.65
N PRO B 45 -3.46 -8.42 -20.87
CA PRO B 45 -4.59 -8.35 -19.95
C PRO B 45 -4.73 -9.43 -18.88
N ALA B 46 -5.55 -9.15 -17.85
CA ALA B 46 -5.97 -10.12 -16.86
C ALA B 46 -7.47 -9.89 -16.73
N VAL B 47 -8.22 -10.91 -16.34
CA VAL B 47 -9.65 -10.76 -16.18
C VAL B 47 -9.92 -10.94 -14.70
N ILE B 48 -10.75 -10.11 -14.05
CA ILE B 48 -11.10 -10.37 -12.66
C ILE B 48 -12.63 -10.29 -12.52
N HIS B 49 -13.20 -11.33 -11.89
CA HIS B 49 -14.65 -11.42 -11.70
C HIS B 49 -14.92 -11.03 -10.27
N ILE B 50 -15.50 -9.86 -10.02
CA ILE B 50 -15.73 -9.41 -8.64
C ILE B 50 -16.98 -10.05 -8.03
N ASP B 51 -16.73 -10.89 -7.04
CA ASP B 51 -17.73 -11.48 -6.17
C ASP B 51 -18.91 -12.14 -6.84
N LEU B 52 -18.65 -12.99 -7.82
CA LEU B 52 -19.73 -13.73 -8.43
C LEU B 52 -19.80 -15.09 -7.70
N ALA B 53 -19.96 -14.97 -6.39
CA ALA B 53 -20.04 -16.09 -5.48
C ALA B 53 -21.53 -16.26 -5.15
N ASN B 54 -21.94 -17.34 -4.49
CA ASN B 54 -23.36 -17.61 -4.28
C ASN B 54 -24.14 -16.55 -3.52
N ALA B 55 -23.54 -15.89 -2.54
CA ALA B 55 -24.22 -14.81 -1.82
C ALA B 55 -24.75 -13.70 -2.73
N TRP B 56 -24.14 -13.50 -3.90
CA TRP B 56 -24.52 -12.47 -4.85
C TRP B 56 -25.29 -13.08 -6.02
N THR B 57 -24.97 -14.31 -6.45
CA THR B 57 -25.60 -14.88 -7.65
C THR B 57 -26.88 -15.66 -7.41
N GLN B 58 -27.04 -16.17 -6.20
CA GLN B 58 -28.18 -16.97 -5.87
C GLN B 58 -29.11 -16.07 -5.08
N PRO B 59 -30.44 -16.19 -5.20
CA PRO B 59 -31.38 -15.43 -4.39
C PRO B 59 -31.42 -15.90 -2.94
N GLY B 60 -31.81 -15.04 -2.02
CA GLY B 60 -31.97 -15.45 -0.63
C GLY B 60 -30.89 -14.96 0.33
N HIS B 61 -29.83 -14.29 -0.13
CA HIS B 61 -28.83 -13.78 0.79
C HIS B 61 -29.07 -12.27 0.87
N PRO B 62 -28.72 -11.53 1.94
CA PRO B 62 -28.76 -10.07 1.95
C PRO B 62 -28.00 -9.41 0.79
N PHE B 63 -27.03 -10.11 0.21
CA PHE B 63 -26.23 -9.56 -0.87
C PHE B 63 -26.70 -10.03 -2.23
N SER B 64 -27.83 -10.71 -2.41
CA SER B 64 -28.15 -11.20 -3.74
C SER B 64 -28.38 -10.09 -4.76
N CYS B 65 -27.88 -10.21 -5.97
CA CYS B 65 -28.17 -9.26 -7.03
C CYS B 65 -29.03 -10.00 -8.03
N PRO B 66 -30.09 -9.39 -8.53
CA PRO B 66 -30.81 -9.86 -9.70
C PRO B 66 -30.02 -9.65 -11.00
N GLY B 67 -30.55 -10.13 -12.13
CA GLY B 67 -29.89 -9.93 -13.43
C GLY B 67 -28.87 -11.00 -13.80
N MET B 68 -28.63 -11.93 -12.90
CA MET B 68 -27.67 -13.00 -13.12
C MET B 68 -27.88 -13.79 -14.39
N GLU B 69 -29.16 -13.97 -14.74
CA GLU B 69 -29.59 -14.63 -15.96
C GLU B 69 -28.95 -14.02 -17.21
N THR B 70 -28.58 -12.74 -17.13
CA THR B 70 -27.92 -12.07 -18.24
C THR B 70 -26.42 -11.92 -17.96
N ILE B 71 -25.98 -11.82 -16.70
CA ILE B 71 -24.58 -11.58 -16.41
C ILE B 71 -23.77 -12.84 -16.68
N ILE B 72 -24.17 -13.94 -16.07
CA ILE B 72 -23.39 -15.14 -16.20
C ILE B 72 -23.11 -15.62 -17.62
N PRO B 73 -24.02 -15.71 -18.61
CA PRO B 73 -23.63 -16.11 -19.97
C PRO B 73 -22.55 -15.22 -20.57
N ASN B 74 -22.62 -13.93 -20.27
CA ASN B 74 -21.63 -12.98 -20.76
C ASN B 74 -20.30 -13.20 -20.05
N VAL B 75 -20.31 -13.58 -18.78
CA VAL B 75 -19.09 -13.90 -18.06
C VAL B 75 -18.51 -15.17 -18.70
N GLN B 76 -19.33 -16.17 -19.03
CA GLN B 76 -18.82 -17.38 -19.68
C GLN B 76 -18.19 -17.11 -21.03
N ARG B 77 -18.73 -16.20 -21.85
CA ARG B 77 -18.12 -15.85 -23.13
C ARG B 77 -16.72 -15.30 -22.95
N ILE B 78 -16.50 -14.43 -21.96
CA ILE B 78 -15.20 -13.83 -21.66
C ILE B 78 -14.24 -14.89 -21.17
N ASN B 79 -14.68 -15.74 -20.24
CA ASN B 79 -13.82 -16.78 -19.69
C ASN B 79 -13.37 -17.68 -20.82
N GLU B 80 -14.29 -18.16 -21.63
CA GLU B 80 -13.97 -18.99 -22.77
C GLU B 80 -12.97 -18.31 -23.72
N ALA B 81 -13.11 -17.01 -24.02
CA ALA B 81 -12.15 -16.37 -24.89
C ALA B 81 -10.79 -16.26 -24.20
N ALA B 82 -10.74 -15.78 -22.96
CA ALA B 82 -9.51 -15.59 -22.22
C ALA B 82 -8.74 -16.87 -21.97
N ARG B 83 -9.39 -17.94 -21.53
CA ARG B 83 -8.65 -19.14 -21.27
C ARG B 83 -8.27 -19.81 -22.57
N ALA B 84 -8.82 -19.45 -23.74
CA ALA B 84 -8.25 -19.96 -24.98
C ALA B 84 -6.86 -19.32 -25.25
N LYS B 85 -6.52 -18.16 -24.66
CA LYS B 85 -5.21 -17.53 -24.87
C LYS B 85 -4.28 -17.63 -23.67
N GLY B 86 -4.74 -18.30 -22.62
CA GLY B 86 -3.98 -18.45 -21.41
C GLY B 86 -3.90 -17.15 -20.63
N VAL B 87 -4.92 -16.30 -20.74
CA VAL B 87 -4.99 -15.01 -20.04
C VAL B 87 -5.30 -15.35 -18.57
N PRO B 88 -4.61 -14.76 -17.58
CA PRO B 88 -4.86 -14.91 -16.15
C PRO B 88 -6.27 -14.50 -15.78
N VAL B 89 -6.99 -15.32 -15.02
CA VAL B 89 -8.36 -15.02 -14.64
C VAL B 89 -8.34 -15.07 -13.12
N PHE B 90 -8.92 -14.07 -12.46
CA PHE B 90 -9.00 -14.03 -11.01
C PHE B 90 -10.46 -13.89 -10.60
N TYR B 91 -10.87 -14.42 -9.45
CA TYR B 91 -12.23 -14.32 -8.94
C TYR B 91 -12.10 -13.76 -7.53
N THR B 92 -13.01 -12.92 -7.02
CA THR B 92 -12.92 -12.53 -5.62
C THR B 92 -14.17 -13.04 -4.92
N THR B 93 -14.14 -13.33 -3.63
CA THR B 93 -15.31 -13.65 -2.85
C THR B 93 -15.04 -12.78 -1.63
N ASN B 94 -16.03 -12.02 -1.17
CA ASN B 94 -15.83 -11.09 -0.07
C ASN B 94 -16.34 -11.81 1.17
N VAL B 95 -15.51 -12.41 2.04
CA VAL B 95 -15.98 -13.25 3.14
C VAL B 95 -15.13 -13.01 4.36
N TYR B 96 -15.60 -13.35 5.55
CA TYR B 96 -14.86 -13.06 6.77
C TYR B 96 -14.66 -14.32 7.58
N ARG B 97 -13.49 -14.39 8.20
CA ARG B 97 -13.14 -15.51 9.06
C ARG B 97 -13.60 -15.22 10.48
N ASN B 98 -13.64 -13.98 10.96
CA ASN B 98 -14.02 -13.69 12.33
C ASN B 98 -15.01 -12.54 12.29
N ARG B 99 -16.28 -12.93 12.35
CA ARG B 99 -17.35 -11.96 12.29
C ARG B 99 -17.81 -11.40 13.63
N ASP B 100 -16.95 -11.37 14.63
CA ASP B 100 -17.39 -10.85 15.91
C ASP B 100 -16.73 -9.50 16.05
N ALA B 101 -17.49 -8.44 15.85
CA ALA B 101 -17.02 -7.06 15.91
C ALA B 101 -16.42 -6.63 17.25
N SER B 102 -16.52 -7.40 18.34
CA SER B 102 -15.86 -7.01 19.56
C SER B 102 -14.48 -7.66 19.76
N SER B 103 -14.06 -8.48 18.80
CA SER B 103 -12.78 -9.13 18.89
C SER B 103 -11.69 -8.35 18.16
N GLY B 104 -10.47 -8.40 18.72
CA GLY B 104 -9.30 -7.73 18.14
C GLY B 104 -8.76 -8.46 16.90
N THR B 105 -9.28 -9.65 16.56
CA THR B 105 -8.88 -10.37 15.37
C THR B 105 -10.02 -10.41 14.37
N ASN B 106 -11.05 -9.57 14.55
CA ASN B 106 -12.16 -9.59 13.60
C ASN B 106 -11.60 -8.93 12.35
N ASP B 107 -12.06 -9.37 11.19
CA ASP B 107 -11.51 -8.87 9.95
C ASP B 107 -12.51 -8.05 9.17
N MET B 108 -13.55 -7.61 9.85
CA MET B 108 -14.58 -6.83 9.19
C MET B 108 -14.27 -5.35 9.25
N GLY B 109 -13.43 -4.92 10.21
CA GLY B 109 -13.04 -3.54 10.34
C GLY B 109 -14.24 -2.60 10.45
N LEU B 110 -14.19 -1.44 9.82
CA LEU B 110 -15.28 -0.50 9.91
C LEU B 110 -16.32 -0.76 8.83
N TRP B 111 -16.14 -1.66 7.85
CA TRP B 111 -17.16 -1.83 6.84
C TRP B 111 -18.45 -2.42 7.47
N TYR B 112 -18.29 -3.12 8.60
CA TYR B 112 -19.38 -3.67 9.40
C TYR B 112 -20.26 -2.51 9.87
N SER B 113 -19.70 -1.31 10.10
CA SER B 113 -20.47 -0.12 10.44
C SER B 113 -21.25 0.47 9.26
N LYS B 114 -21.23 -0.16 8.10
CA LYS B 114 -21.93 0.32 6.94
C LYS B 114 -22.77 -0.73 6.24
N ILE B 115 -22.27 -1.95 6.05
CA ILE B 115 -23.00 -2.98 5.30
C ILE B 115 -23.05 -4.25 6.14
N PRO B 116 -23.90 -5.27 5.92
CA PRO B 116 -23.98 -6.44 6.79
C PRO B 116 -22.88 -7.51 6.61
N THR B 117 -21.62 -7.16 6.92
CA THR B 117 -20.47 -8.06 6.74
C THR B 117 -20.60 -9.37 7.50
N GLU B 118 -21.24 -9.35 8.68
CA GLU B 118 -21.50 -10.56 9.46
C GLU B 118 -22.34 -11.60 8.71
N THR B 119 -22.97 -11.31 7.58
CA THR B 119 -23.71 -12.35 6.88
C THR B 119 -22.84 -13.07 5.85
N LEU B 120 -21.51 -12.80 5.77
CA LEU B 120 -20.65 -13.38 4.74
C LEU B 120 -19.54 -14.22 5.34
N PRO B 121 -19.80 -15.44 5.81
CA PRO B 121 -18.83 -16.31 6.47
C PRO B 121 -17.92 -16.93 5.44
N ALA B 122 -16.63 -17.07 5.72
CA ALA B 122 -15.73 -17.74 4.80
C ALA B 122 -16.09 -19.22 4.79
N ASP B 123 -15.92 -19.88 3.66
CA ASP B 123 -16.19 -21.31 3.50
C ASP B 123 -17.60 -21.83 3.79
N SER B 124 -18.58 -20.99 3.53
CA SER B 124 -19.94 -21.43 3.56
C SER B 124 -20.34 -21.59 2.11
N TYR B 125 -21.51 -22.16 1.80
CA TYR B 125 -22.06 -22.24 0.45
C TYR B 125 -22.06 -20.86 -0.23
N TRP B 126 -22.46 -19.87 0.56
CA TRP B 126 -22.57 -18.49 0.11
C TRP B 126 -21.24 -17.89 -0.34
N ALA B 127 -20.14 -18.44 0.17
CA ALA B 127 -18.81 -17.98 -0.16
C ALA B 127 -18.29 -18.66 -1.41
N GLN B 128 -18.90 -19.72 -1.95
CA GLN B 128 -18.35 -20.45 -3.10
C GLN B 128 -18.60 -19.70 -4.39
N ILE B 129 -17.67 -19.68 -5.35
CA ILE B 129 -17.92 -19.05 -6.65
C ILE B 129 -19.05 -19.89 -7.25
N ASP B 130 -19.96 -19.22 -7.93
CA ASP B 130 -21.10 -19.85 -8.55
C ASP B 130 -20.69 -20.97 -9.49
N ASP B 131 -21.34 -22.12 -9.38
CA ASP B 131 -21.06 -23.28 -10.22
C ASP B 131 -20.97 -23.08 -11.72
N ARG B 132 -21.89 -22.25 -12.21
CA ARG B 132 -21.95 -21.97 -13.64
C ARG B 132 -20.68 -21.33 -14.20
N ILE B 133 -19.79 -20.79 -13.37
CA ILE B 133 -18.58 -20.15 -13.84
C ILE B 133 -17.43 -20.61 -12.96
N ALA B 134 -17.48 -21.86 -12.47
CA ALA B 134 -16.45 -22.38 -11.59
C ALA B 134 -15.02 -22.14 -12.11
N PRO B 135 -14.07 -21.80 -11.24
CA PRO B 135 -12.66 -21.60 -11.58
C PRO B 135 -11.99 -22.80 -12.23
N ALA B 136 -11.32 -22.54 -13.36
CA ALA B 136 -10.49 -23.55 -13.99
C ALA B 136 -9.15 -23.66 -13.27
N ASP B 137 -8.33 -24.65 -13.66
CA ASP B 137 -7.06 -24.86 -12.99
C ASP B 137 -6.10 -23.74 -13.32
N GLY B 138 -5.53 -23.25 -12.24
CA GLY B 138 -4.59 -22.16 -12.30
C GLY B 138 -5.28 -20.82 -12.15
N GLU B 139 -6.59 -20.73 -12.11
CA GLU B 139 -7.24 -19.44 -11.93
C GLU B 139 -7.23 -19.17 -10.44
N VAL B 140 -7.12 -17.92 -10.02
CA VAL B 140 -7.00 -17.60 -8.60
C VAL B 140 -8.30 -17.14 -7.96
N VAL B 141 -8.71 -17.63 -6.79
CA VAL B 141 -9.87 -17.11 -6.09
C VAL B 141 -9.25 -16.30 -4.94
N ILE B 142 -9.52 -15.01 -4.80
CA ILE B 142 -8.95 -14.14 -3.78
C ILE B 142 -10.08 -13.87 -2.79
N GLU B 143 -9.87 -14.10 -1.50
CA GLU B 143 -10.89 -13.78 -0.52
C GLU B 143 -10.55 -12.37 -0.11
N LYS B 144 -11.42 -11.37 -0.22
CA LYS B 144 -11.08 -10.00 0.12
C LYS B 144 -11.92 -9.53 1.28
N ASN B 145 -11.47 -8.50 1.99
CA ASN B 145 -12.20 -8.00 3.14
C ASN B 145 -12.81 -6.61 2.98
N ARG B 146 -12.52 -5.89 1.90
CA ARG B 146 -13.03 -4.55 1.70
C ARG B 146 -13.57 -4.52 0.29
N ALA B 147 -14.28 -3.47 -0.12
CA ALA B 147 -14.88 -3.39 -1.44
C ALA B 147 -13.97 -3.57 -2.64
N SER B 148 -12.89 -2.79 -2.74
CA SER B 148 -12.00 -2.93 -3.89
C SER B 148 -11.25 -4.23 -3.67
N ALA B 149 -10.99 -4.90 -4.79
CA ALA B 149 -10.22 -6.12 -4.79
C ALA B 149 -8.77 -5.90 -4.34
N PHE B 150 -8.23 -4.66 -4.29
CA PHE B 150 -6.83 -4.47 -3.90
C PHE B 150 -6.52 -4.42 -2.41
N PRO B 151 -7.08 -3.59 -1.52
CA PRO B 151 -6.75 -3.58 -0.12
C PRO B 151 -6.82 -4.93 0.58
N GLY B 152 -5.70 -5.25 1.21
CA GLY B 152 -5.58 -6.48 1.97
C GLY B 152 -5.42 -7.73 1.13
N THR B 153 -5.25 -7.63 -0.19
CA THR B 153 -5.09 -8.85 -0.95
C THR B 153 -3.74 -8.74 -1.63
N ASN B 154 -3.42 -9.79 -2.37
CA ASN B 154 -2.19 -9.83 -3.13
C ASN B 154 -2.41 -9.61 -4.61
N LEU B 155 -3.55 -9.06 -5.04
CA LEU B 155 -3.81 -8.84 -6.44
C LEU B 155 -2.73 -7.94 -7.07
N GLU B 156 -2.30 -6.87 -6.40
CA GLU B 156 -1.31 -5.98 -6.99
C GLU B 156 0.06 -6.65 -7.13
N LEU B 157 0.42 -7.59 -6.24
CA LEU B 157 1.67 -8.33 -6.36
C LEU B 157 1.62 -9.16 -7.64
N PHE B 158 0.50 -9.79 -8.02
CA PHE B 158 0.43 -10.56 -9.28
C PHE B 158 0.51 -9.61 -10.47
N LEU B 159 -0.34 -8.58 -10.49
CA LEU B 159 -0.42 -7.63 -11.59
C LEU B 159 0.88 -6.85 -11.86
N THR B 160 1.59 -6.37 -10.82
CA THR B 160 2.85 -5.67 -10.99
C THR B 160 3.94 -6.67 -11.34
N SER B 161 4.22 -7.72 -10.55
CA SER B 161 5.28 -8.69 -10.83
C SER B 161 5.16 -9.31 -12.20
N ASN B 162 3.96 -9.62 -12.68
CA ASN B 162 3.82 -10.27 -13.98
C ASN B 162 3.48 -9.31 -15.10
N ARG B 163 3.70 -8.02 -14.89
CA ARG B 163 3.58 -7.02 -15.94
C ARG B 163 2.25 -6.97 -16.70
N ILE B 164 1.12 -7.07 -15.99
CA ILE B 164 -0.20 -6.97 -16.60
C ILE B 164 -0.44 -5.46 -16.89
N ASP B 165 -1.01 -5.07 -18.03
CA ASP B 165 -1.34 -3.67 -18.24
C ASP B 165 -2.84 -3.40 -18.35
N THR B 166 -3.71 -4.39 -18.54
CA THR B 166 -5.14 -4.14 -18.71
C THR B 166 -5.85 -5.05 -17.73
N LEU B 167 -6.92 -4.57 -17.11
CA LEU B 167 -7.69 -5.35 -16.18
C LEU B 167 -9.13 -5.31 -16.66
N ILE B 168 -9.71 -6.43 -17.04
CA ILE B 168 -11.11 -6.51 -17.45
C ILE B 168 -11.88 -6.82 -16.17
N VAL B 169 -12.80 -5.97 -15.74
CA VAL B 169 -13.48 -6.16 -14.48
C VAL B 169 -14.95 -6.54 -14.72
N THR B 170 -15.50 -7.56 -14.06
CA THR B 170 -16.89 -7.94 -14.23
C THR B 170 -17.48 -8.08 -12.83
N GLY B 171 -18.77 -8.32 -12.66
CA GLY B 171 -19.21 -8.63 -11.31
C GLY B 171 -20.16 -7.68 -10.66
N ALA B 172 -20.25 -7.83 -9.35
CA ALA B 172 -21.20 -7.09 -8.56
C ALA B 172 -20.55 -6.37 -7.39
N THR B 173 -20.92 -5.18 -6.94
CA THR B 173 -21.93 -4.41 -7.63
C THR B 173 -21.31 -3.16 -8.25
N ALA B 174 -22.02 -2.54 -9.18
CA ALA B 174 -21.65 -1.28 -9.80
C ALA B 174 -21.41 -0.18 -8.78
N ALA B 175 -22.27 -0.11 -7.77
CA ALA B 175 -22.22 0.91 -6.76
C ALA B 175 -21.42 0.47 -5.57
N GLY B 176 -20.78 -0.70 -5.59
CA GLY B 176 -19.99 -1.18 -4.48
C GLY B 176 -18.60 -1.57 -4.96
N CYS B 177 -18.30 -2.86 -4.90
CA CYS B 177 -17.00 -3.39 -5.25
C CYS B 177 -16.47 -3.16 -6.67
N VAL B 178 -17.26 -3.18 -7.73
CA VAL B 178 -16.73 -2.96 -9.08
C VAL B 178 -16.10 -1.57 -9.20
N ARG B 179 -16.83 -0.51 -8.83
CA ARG B 179 -16.33 0.85 -8.97
C ARG B 179 -15.07 1.05 -8.14
N HIS B 180 -15.02 0.68 -6.86
CA HIS B 180 -13.81 0.90 -6.09
C HIS B 180 -12.65 0.12 -6.74
N THR B 181 -12.85 -1.07 -7.29
CA THR B 181 -11.77 -1.79 -7.95
C THR B 181 -11.26 -1.04 -9.17
N VAL B 182 -12.16 -0.56 -10.03
CA VAL B 182 -11.77 0.18 -11.22
C VAL B 182 -10.99 1.43 -10.86
N GLU B 183 -11.48 2.20 -9.88
CA GLU B 183 -10.77 3.41 -9.46
C GLU B 183 -9.36 3.14 -8.98
N ASP B 184 -9.22 2.11 -8.16
CA ASP B 184 -7.91 1.69 -7.66
C ASP B 184 -6.99 1.29 -8.81
N ALA B 185 -7.49 0.49 -9.76
CA ALA B 185 -6.70 0.00 -10.88
C ALA B 185 -6.09 1.11 -11.74
N ILE B 186 -6.88 2.07 -12.25
CA ILE B 186 -6.29 3.15 -13.04
C ILE B 186 -5.30 3.93 -12.18
N ALA B 187 -5.54 4.12 -10.90
CA ALA B 187 -4.60 4.86 -10.09
C ALA B 187 -3.31 4.07 -9.89
N LYS B 188 -3.36 2.76 -9.68
CA LYS B 188 -2.19 1.95 -9.47
C LYS B 188 -1.44 1.72 -10.77
N GLY B 189 -2.08 1.80 -11.92
CA GLY B 189 -1.35 1.68 -13.15
C GLY B 189 -1.90 0.63 -14.08
N PHE B 190 -3.18 0.22 -14.02
CA PHE B 190 -3.73 -0.84 -14.87
C PHE B 190 -4.93 -0.28 -15.63
N ARG B 191 -5.02 -0.48 -16.94
CA ARG B 191 -6.11 0.03 -17.78
C ARG B 191 -7.40 -0.73 -17.52
N PRO B 192 -8.45 -0.13 -16.91
CA PRO B 192 -9.71 -0.82 -16.66
C PRO B 192 -10.70 -0.86 -17.82
N ILE B 193 -11.10 -2.04 -18.26
CA ILE B 193 -12.14 -2.13 -19.28
C ILE B 193 -13.29 -2.84 -18.56
N ILE B 194 -14.50 -2.31 -18.69
CA ILE B 194 -15.64 -2.86 -17.99
C ILE B 194 -16.61 -3.37 -19.04
N PRO B 195 -16.92 -4.67 -19.17
CA PRO B 195 -17.90 -5.15 -20.12
C PRO B 195 -19.29 -4.97 -19.51
N ARG B 196 -19.99 -3.97 -20.03
CA ARG B 196 -21.28 -3.52 -19.52
C ARG B 196 -22.29 -4.58 -19.07
N GLU B 197 -22.53 -5.59 -19.89
CA GLU B 197 -23.53 -6.61 -19.57
C GLU B 197 -23.11 -7.51 -18.41
N THR B 198 -21.90 -7.43 -17.87
CA THR B 198 -21.52 -8.31 -16.79
C THR B 198 -21.58 -7.61 -15.43
N ILE B 199 -22.08 -6.36 -15.41
CA ILE B 199 -22.13 -5.60 -14.17
C ILE B 199 -23.53 -5.67 -13.62
N GLY B 200 -23.69 -5.87 -12.33
CA GLY B 200 -25.02 -5.90 -11.76
C GLY B 200 -25.08 -5.19 -10.45
N ASP B 201 -26.31 -5.03 -9.97
CA ASP B 201 -26.58 -4.43 -8.69
C ASP B 201 -27.96 -4.84 -8.21
N ARG B 202 -28.45 -4.26 -7.10
CA ARG B 202 -29.70 -4.68 -6.49
C ARG B 202 -30.67 -3.55 -6.19
N VAL B 203 -30.41 -2.28 -6.56
CA VAL B 203 -31.34 -1.18 -6.29
C VAL B 203 -31.43 -0.36 -7.58
N PRO B 204 -32.42 0.52 -7.83
CA PRO B 204 -32.56 1.19 -9.13
C PRO B 204 -31.55 2.29 -9.46
N GLY B 205 -31.26 2.46 -10.75
CA GLY B 205 -30.41 3.53 -11.24
C GLY B 205 -28.90 3.42 -11.04
N VAL B 206 -28.43 2.81 -9.95
CA VAL B 206 -27.00 2.67 -9.66
C VAL B 206 -26.13 2.06 -10.76
N VAL B 207 -26.59 1.08 -11.56
CA VAL B 207 -25.75 0.55 -12.63
C VAL B 207 -25.56 1.66 -13.65
N GLN B 208 -26.65 2.28 -14.11
CA GLN B 208 -26.57 3.36 -15.07
C GLN B 208 -25.66 4.49 -14.63
N TRP B 209 -25.92 5.11 -13.48
CA TRP B 209 -25.08 6.25 -13.12
C TRP B 209 -23.66 5.90 -12.72
N ASN B 210 -23.39 4.75 -12.08
CA ASN B 210 -22.03 4.38 -11.75
C ASN B 210 -21.26 4.03 -13.01
N LEU B 211 -21.84 3.37 -14.00
CA LEU B 211 -21.07 3.09 -15.20
C LEU B 211 -20.76 4.37 -15.95
N TYR B 212 -21.69 5.33 -15.94
CA TYR B 212 -21.46 6.62 -16.56
C TYR B 212 -20.31 7.31 -15.83
N ASP B 213 -20.29 7.30 -14.49
CA ASP B 213 -19.21 7.95 -13.78
C ASP B 213 -17.86 7.29 -14.05
N ILE B 214 -17.85 5.95 -14.12
CA ILE B 214 -16.63 5.19 -14.42
C ILE B 214 -16.15 5.56 -15.80
N ASP B 215 -17.02 5.54 -16.79
CA ASP B 215 -16.58 5.84 -18.15
C ASP B 215 -16.10 7.27 -18.30
N ASN B 216 -16.51 8.19 -17.41
CA ASN B 216 -16.07 9.56 -17.58
C ASN B 216 -14.66 9.82 -17.07
N LYS B 217 -14.23 9.19 -15.99
CA LYS B 217 -12.93 9.47 -15.40
C LYS B 217 -12.11 8.25 -15.00
N PHE B 218 -12.57 6.99 -15.11
CA PHE B 218 -11.82 5.88 -14.54
C PHE B 218 -11.59 4.66 -15.39
N GLY B 219 -12.39 4.32 -16.39
CA GLY B 219 -12.15 3.13 -17.18
C GLY B 219 -13.07 3.15 -18.38
N ASP B 220 -12.90 2.35 -19.40
CA ASP B 220 -13.81 2.39 -20.54
C ASP B 220 -14.86 1.32 -20.39
N VAL B 221 -16.12 1.70 -20.53
CA VAL B 221 -17.23 0.77 -20.43
C VAL B 221 -17.45 0.36 -21.86
N GLU B 222 -17.40 -0.94 -22.11
CA GLU B 222 -17.43 -1.54 -23.42
C GLU B 222 -18.49 -2.62 -23.49
N SER B 223 -18.80 -3.10 -24.68
CA SER B 223 -19.72 -4.22 -24.80
C SER B 223 -18.91 -5.50 -24.60
N THR B 224 -19.52 -6.57 -24.13
CA THR B 224 -18.86 -7.85 -24.00
C THR B 224 -18.37 -8.29 -25.38
N ASP B 225 -19.11 -7.99 -26.46
CA ASP B 225 -18.67 -8.33 -27.80
C ASP B 225 -17.33 -7.71 -28.11
N SER B 226 -17.14 -6.44 -27.74
CA SER B 226 -15.87 -5.79 -27.94
C SER B 226 -14.79 -6.51 -27.13
N VAL B 227 -15.04 -6.81 -25.87
CA VAL B 227 -14.05 -7.46 -25.05
C VAL B 227 -13.69 -8.85 -25.61
N VAL B 228 -14.66 -9.68 -25.99
CA VAL B 228 -14.40 -11.01 -26.53
C VAL B 228 -13.61 -10.88 -27.83
N GLN B 229 -13.99 -9.98 -28.73
CA GLN B 229 -13.27 -9.77 -29.98
C GLN B 229 -11.82 -9.40 -29.68
N TYR B 230 -11.57 -8.50 -28.74
CA TYR B 230 -10.21 -8.14 -28.34
C TYR B 230 -9.48 -9.38 -27.87
N LEU B 231 -10.02 -10.16 -26.92
CA LEU B 231 -9.34 -11.37 -26.47
C LEU B 231 -9.14 -12.39 -27.60
N ASP B 232 -10.01 -12.42 -28.59
CA ASP B 232 -9.89 -13.32 -29.72
C ASP B 232 -8.73 -12.94 -30.61
N ALA B 233 -8.40 -11.66 -30.65
CA ALA B 233 -7.28 -11.19 -31.46
C ALA B 233 -5.98 -11.16 -30.67
N LEU B 234 -5.96 -11.62 -29.43
CA LEU B 234 -4.75 -11.59 -28.61
C LEU B 234 -3.76 -12.59 -29.17
N PRO B 235 -2.45 -12.39 -29.13
CA PRO B 235 -1.51 -13.50 -29.13
C PRO B 235 -1.68 -14.37 -27.88
N GLN B 236 -1.01 -15.52 -27.81
CA GLN B 236 -1.07 -16.36 -26.63
C GLN B 236 -0.44 -15.50 -25.57
N PHE B 237 -1.04 -15.47 -24.39
CA PHE B 237 -0.60 -14.59 -23.32
C PHE B 237 0.88 -14.61 -23.09
N GLU B 238 1.52 -15.77 -23.03
CA GLU B 238 2.96 -15.84 -22.78
C GLU B 238 3.83 -15.03 -23.73
N ASP B 239 3.31 -14.66 -24.89
CA ASP B 239 4.01 -13.87 -25.89
C ASP B 239 3.60 -12.40 -25.83
N THR B 240 2.73 -11.92 -24.94
CA THR B 240 2.33 -10.52 -24.95
C THR B 240 3.30 -9.69 -24.13
N VAL B 241 3.47 -8.43 -24.52
CA VAL B 241 4.36 -7.52 -23.84
C VAL B 241 3.49 -6.31 -23.48
N PRO B 242 3.60 -5.63 -22.33
CA PRO B 242 2.72 -4.54 -21.97
C PRO B 242 3.03 -3.26 -22.73
N LYS B 243 2.08 -2.32 -22.75
CA LYS B 243 2.34 -1.03 -23.37
C LYS B 243 3.00 -0.29 -22.24
N THR B 244 4.12 0.36 -22.51
CA THR B 244 4.94 0.99 -21.48
C THR B 244 4.54 2.38 -20.98
N LEU B 245 3.62 3.07 -21.66
CA LEU B 245 3.17 4.40 -21.28
C LEU B 245 1.74 4.53 -21.80
N SER B 246 1.09 5.65 -21.49
CA SER B 246 -0.28 5.92 -21.90
C SER B 246 -0.38 6.13 -23.39
N ASP B 247 -1.58 5.87 -23.90
CA ASP B 247 -1.86 6.14 -25.29
C ASP B 247 -1.92 7.66 -25.43
N PRO B 248 -1.36 8.26 -26.49
CA PRO B 248 -1.41 9.70 -26.75
C PRO B 248 -2.84 10.23 -26.74
N GLN B 249 -3.07 11.39 -26.13
CA GLN B 249 -4.40 11.95 -26.03
C GLN B 249 -4.44 13.30 -26.74
N PRO B 250 -5.58 13.73 -27.29
CA PRO B 250 -5.73 15.07 -27.84
C PRO B 250 -5.61 16.05 -26.69
N GLU B 251 -4.43 16.59 -26.48
CA GLU B 251 -4.19 17.47 -25.37
C GLU B 251 -4.77 18.86 -25.43
N VAL B 252 -5.37 19.26 -24.30
CA VAL B 252 -5.87 20.60 -24.13
C VAL B 252 -4.77 21.34 -23.37
N GLU B 253 -4.72 22.65 -23.55
CA GLU B 253 -3.62 23.43 -23.01
C GLU B 253 -3.90 23.95 -21.61
N ALA B 254 -2.89 23.92 -20.73
CA ALA B 254 -3.02 24.42 -19.37
C ALA B 254 -3.23 25.92 -19.43
N PRO B 255 -4.26 26.43 -18.77
CA PRO B 255 -4.51 27.85 -18.62
C PRO B 255 -3.34 28.53 -17.92
N ALA B 256 -3.03 29.75 -18.35
CA ALA B 256 -1.93 30.49 -17.76
C ALA B 256 -2.43 31.27 -16.55
N ASP B 257 -1.50 31.54 -15.63
CA ASP B 257 -1.75 32.31 -14.43
C ASP B 257 -2.36 33.66 -14.78
N PRO B 258 -3.49 34.08 -14.23
CA PRO B 258 -4.04 35.42 -14.47
C PRO B 258 -3.24 36.60 -13.95
N VAL B 259 -2.23 36.38 -13.11
CA VAL B 259 -1.38 37.44 -12.58
C VAL B 259 -0.11 36.75 -12.08
N THR C 7 36.31 3.18 17.08
CA THR C 7 36.71 1.84 16.67
C THR C 7 38.23 1.77 16.75
N PHE C 8 38.77 0.58 16.60
CA PHE C 8 40.20 0.39 16.62
C PHE C 8 40.49 -0.34 15.32
N ASN C 9 41.43 0.17 14.53
CA ASN C 9 41.80 -0.42 13.25
C ASN C 9 42.09 -1.93 13.31
N ASP C 10 42.68 -2.41 14.41
CA ASP C 10 42.94 -3.84 14.59
C ASP C 10 41.64 -4.63 14.53
N ILE C 11 40.59 -4.03 15.11
CA ILE C 11 39.26 -4.60 15.07
C ILE C 11 38.83 -4.51 13.62
N GLU C 12 38.99 -3.42 12.85
CA GLU C 12 38.55 -3.36 11.45
C GLU C 12 39.07 -4.52 10.59
N ALA C 13 40.36 -4.83 10.73
CA ALA C 13 40.96 -5.93 9.99
C ALA C 13 40.54 -7.28 10.55
N ARG C 14 40.51 -7.49 11.87
CA ARG C 14 40.05 -8.73 12.49
C ARG C 14 38.63 -8.99 12.04
N LEU C 15 37.81 -7.95 12.15
CA LEU C 15 36.40 -7.96 11.82
C LEU C 15 36.28 -8.37 10.37
N ALA C 16 36.97 -7.75 9.42
CA ALA C 16 36.87 -8.13 8.01
C ALA C 16 37.19 -9.61 7.76
N ALA C 17 38.26 -10.06 8.41
CA ALA C 17 38.66 -11.44 8.27
C ALA C 17 37.67 -12.43 8.87
N VAL C 18 37.19 -12.21 10.10
CA VAL C 18 36.27 -13.13 10.73
C VAL C 18 34.91 -13.10 10.01
N LEU C 19 34.42 -11.92 9.61
CA LEU C 19 33.20 -11.83 8.82
C LEU C 19 33.36 -12.64 7.54
N GLU C 20 34.52 -12.64 6.87
CA GLU C 20 34.70 -13.46 5.68
C GLU C 20 34.53 -14.94 6.01
N GLU C 21 35.02 -15.41 7.17
CA GLU C 21 34.80 -16.79 7.59
C GLU C 21 33.30 -17.01 7.71
N ALA C 22 32.57 -16.14 8.43
CA ALA C 22 31.14 -16.28 8.59
C ALA C 22 30.40 -16.28 7.26
N PHE C 23 30.81 -15.46 6.31
CA PHE C 23 30.17 -15.40 5.02
C PHE C 23 30.43 -16.64 4.21
N GLU C 24 31.63 -17.18 4.28
CA GLU C 24 32.02 -18.37 3.55
C GLU C 24 31.16 -19.55 4.01
N ALA C 25 31.09 -19.68 5.33
CA ALA C 25 30.28 -20.72 5.94
C ALA C 25 28.83 -20.57 5.55
N GLY C 26 28.31 -19.35 5.65
CA GLY C 26 26.93 -19.08 5.32
C GLY C 26 26.63 -19.42 3.87
N THR C 27 27.49 -19.00 2.95
CA THR C 27 27.31 -19.26 1.53
C THR C 27 27.29 -20.76 1.24
N SER C 28 28.09 -21.54 1.96
CA SER C 28 28.11 -22.99 1.78
C SER C 28 26.70 -23.49 2.09
N ILE C 29 26.13 -23.05 3.22
CA ILE C 29 24.79 -23.51 3.59
C ILE C 29 23.75 -23.01 2.61
N TYR C 30 23.73 -21.71 2.25
CA TYR C 30 22.76 -21.20 1.28
C TYR C 30 22.81 -21.97 0.00
N ASN C 31 24.04 -22.33 -0.39
CA ASN C 31 24.25 -23.12 -1.61
C ASN C 31 23.69 -24.50 -1.47
N GLU C 32 23.89 -25.22 -0.35
CA GLU C 32 23.32 -26.54 -0.20
C GLU C 32 21.79 -26.45 -0.08
N ARG C 33 21.18 -25.27 0.13
CA ARG C 33 19.73 -25.13 0.19
C ARG C 33 19.12 -24.48 -1.03
N GLY C 34 19.88 -23.90 -1.95
CA GLY C 34 19.31 -23.31 -3.17
C GLY C 34 18.96 -21.83 -3.04
N PHE C 35 19.52 -21.17 -2.03
CA PHE C 35 19.27 -19.76 -1.85
C PHE C 35 20.33 -19.02 -2.66
N LYS C 36 20.33 -17.68 -2.59
CA LYS C 36 21.30 -16.79 -3.20
C LYS C 36 21.30 -16.93 -4.71
N ARG C 37 20.12 -16.98 -5.33
CA ARG C 37 20.03 -17.16 -6.77
C ARG C 37 20.26 -15.81 -7.43
N ARG C 38 20.39 -15.65 -8.73
CA ARG C 38 20.61 -14.34 -9.31
C ARG C 38 19.30 -13.82 -9.86
N ILE C 39 18.84 -12.63 -9.40
CA ILE C 39 17.64 -12.07 -10.00
C ILE C 39 17.89 -11.64 -11.45
N GLY C 40 19.07 -11.09 -11.72
CA GLY C 40 19.40 -10.71 -13.07
C GLY C 40 18.87 -9.33 -13.44
N TYR C 41 19.50 -8.73 -14.44
CA TYR C 41 19.11 -7.44 -14.93
C TYR C 41 17.91 -7.66 -15.80
N GLY C 42 16.95 -6.76 -15.73
CA GLY C 42 15.83 -6.76 -16.63
C GLY C 42 16.18 -5.85 -17.82
N ASN C 43 15.18 -5.51 -18.62
CA ASN C 43 15.33 -4.70 -19.82
C ASN C 43 14.95 -3.23 -19.73
N ARG C 44 14.31 -2.78 -18.64
CA ARG C 44 13.75 -1.44 -18.57
C ARG C 44 13.98 -0.88 -17.17
N PRO C 45 15.12 -0.23 -16.93
CA PRO C 45 15.58 0.15 -15.62
C PRO C 45 15.31 1.58 -15.20
N ALA C 46 15.45 1.85 -13.92
CA ALA C 46 15.37 3.21 -13.39
C ALA C 46 16.46 3.21 -12.34
N VAL C 47 17.04 4.36 -12.05
CA VAL C 47 18.08 4.44 -11.05
C VAL C 47 17.52 5.21 -9.85
N ILE C 48 17.86 4.87 -8.61
CA ILE C 48 17.44 5.67 -7.49
C ILE C 48 18.61 5.83 -6.55
N HIS C 49 18.88 7.08 -6.21
CA HIS C 49 19.97 7.43 -5.33
C HIS C 49 19.31 7.71 -4.01
N ILE C 50 19.59 6.85 -3.04
CA ILE C 50 18.99 6.93 -1.72
C ILE C 50 19.79 7.89 -0.82
N ASP C 51 19.18 9.05 -0.56
CA ASP C 51 19.69 10.06 0.35
C ASP C 51 21.14 10.50 0.23
N LEU C 52 21.57 10.79 -0.98
CA LEU C 52 22.88 11.39 -1.16
C LEU C 52 22.64 12.91 -1.17
N ALA C 53 22.23 13.36 0.01
CA ALA C 53 21.89 14.75 0.23
C ALA C 53 22.90 15.22 1.26
N ASN C 54 23.07 16.52 1.43
CA ASN C 54 24.13 17.08 2.25
C ASN C 54 24.25 16.59 3.66
N ALA C 55 23.15 16.23 4.31
CA ALA C 55 23.21 15.66 5.65
C ALA C 55 24.00 14.35 5.76
N TRP C 56 24.01 13.59 4.67
CA TRP C 56 24.71 12.32 4.61
C TRP C 56 26.08 12.52 3.95
N THR C 57 26.17 13.33 2.88
CA THR C 57 27.42 13.47 2.14
C THR C 57 28.42 14.48 2.68
N GLN C 58 27.91 15.44 3.43
CA GLN C 58 28.75 16.47 3.96
C GLN C 58 28.97 16.10 5.40
N PRO C 59 30.15 16.36 5.96
CA PRO C 59 30.44 16.17 7.37
C PRO C 59 29.68 17.13 8.26
N GLY C 60 29.59 16.80 9.54
CA GLY C 60 28.97 17.69 10.49
C GLY C 60 27.51 17.41 10.81
N HIS C 61 26.75 16.59 10.09
CA HIS C 61 25.38 16.35 10.50
C HIS C 61 25.37 15.05 11.32
N PRO C 62 24.45 14.76 12.28
CA PRO C 62 24.34 13.42 12.87
C PRO C 62 24.11 12.28 11.88
N PHE C 63 23.75 12.57 10.64
CA PHE C 63 23.54 11.52 9.67
C PHE C 63 24.73 11.46 8.71
N SER C 64 25.84 12.18 8.95
CA SER C 64 26.96 12.16 8.02
C SER C 64 27.60 10.80 7.87
N CYS C 65 27.88 10.45 6.62
CA CYS C 65 28.55 9.23 6.27
C CYS C 65 29.94 9.54 5.73
N PRO C 66 30.96 8.81 6.18
CA PRO C 66 32.26 8.73 5.50
C PRO C 66 32.29 7.97 4.18
N GLY C 67 33.37 8.09 3.40
CA GLY C 67 33.52 7.33 2.16
C GLY C 67 32.93 7.96 0.91
N MET C 68 32.39 9.18 0.99
CA MET C 68 31.79 9.84 -0.18
C MET C 68 32.74 10.09 -1.36
N GLU C 69 34.03 10.16 -1.06
CA GLU C 69 35.04 10.34 -2.10
C GLU C 69 35.08 9.10 -3.01
N THR C 70 34.65 7.94 -2.55
CA THR C 70 34.64 6.73 -3.35
C THR C 70 33.28 6.57 -4.00
N ILE C 71 32.24 6.82 -3.21
CA ILE C 71 30.86 6.66 -3.62
C ILE C 71 30.52 7.62 -4.74
N ILE C 72 30.75 8.92 -4.52
CA ILE C 72 30.33 9.89 -5.52
C ILE C 72 30.94 9.75 -6.90
N PRO C 73 32.25 9.54 -7.18
CA PRO C 73 32.74 9.27 -8.54
C PRO C 73 32.04 8.08 -9.19
N ASN C 74 31.73 7.06 -8.38
CA ASN C 74 31.02 5.89 -8.89
C ASN C 74 29.55 6.15 -9.22
N VAL C 75 28.85 6.95 -8.40
CA VAL C 75 27.48 7.37 -8.71
C VAL C 75 27.49 8.22 -9.99
N GLN C 76 28.49 9.08 -10.16
CA GLN C 76 28.57 9.91 -11.36
C GLN C 76 28.73 9.06 -12.61
N ARG C 77 29.52 7.98 -12.57
CA ARG C 77 29.65 7.10 -13.72
C ARG C 77 28.30 6.48 -14.07
N ILE C 78 27.52 5.99 -13.10
CA ILE C 78 26.19 5.44 -13.38
C ILE C 78 25.28 6.52 -14.02
N ASN C 79 25.29 7.70 -13.43
CA ASN C 79 24.46 8.79 -13.92
C ASN C 79 24.78 9.15 -15.36
N GLU C 80 26.06 9.29 -15.70
CA GLU C 80 26.45 9.59 -17.07
C GLU C 80 25.97 8.50 -18.02
N ALA C 81 26.10 7.23 -17.63
CA ALA C 81 25.62 6.15 -18.47
C ALA C 81 24.11 6.15 -18.63
N ALA C 82 23.38 6.40 -17.54
CA ALA C 82 21.93 6.39 -17.58
C ALA C 82 21.37 7.55 -18.39
N ARG C 83 21.89 8.74 -18.14
CA ARG C 83 21.45 9.95 -18.82
C ARG C 83 21.66 9.83 -20.31
N ALA C 84 22.63 9.06 -20.77
CA ALA C 84 22.82 8.81 -22.21
C ALA C 84 21.73 7.97 -22.86
N LYS C 85 21.10 7.07 -22.11
CA LYS C 85 20.05 6.24 -22.68
C LYS C 85 18.66 6.79 -22.37
N GLY C 86 18.57 7.85 -21.57
CA GLY C 86 17.29 8.44 -21.22
C GLY C 86 16.62 7.71 -20.07
N VAL C 87 17.39 6.95 -19.30
CA VAL C 87 16.89 6.19 -18.18
C VAL C 87 16.41 7.15 -17.08
N PRO C 88 15.23 6.90 -16.47
CA PRO C 88 14.71 7.62 -15.31
C PRO C 88 15.65 7.59 -14.12
N VAL C 89 16.02 8.73 -13.54
CA VAL C 89 16.90 8.73 -12.39
C VAL C 89 16.07 9.43 -11.32
N PHE C 90 15.97 8.81 -10.16
CA PHE C 90 15.23 9.34 -9.04
C PHE C 90 16.24 9.56 -7.94
N TYR C 91 15.97 10.54 -7.11
CA TYR C 91 16.79 10.88 -5.97
C TYR C 91 15.88 10.91 -4.76
N THR C 92 16.22 10.45 -3.57
CA THR C 92 15.35 10.69 -2.42
C THR C 92 16.12 11.56 -1.45
N THR C 93 15.44 12.27 -0.57
CA THR C 93 16.07 12.99 0.53
C THR C 93 15.10 12.69 1.68
N ASN C 94 15.59 12.48 2.88
CA ASN C 94 14.71 12.07 3.96
C ASN C 94 14.53 13.27 4.85
N VAL C 95 13.44 14.03 4.71
CA VAL C 95 13.28 15.28 5.45
C VAL C 95 11.87 15.49 5.98
N TYR C 96 11.73 16.34 7.00
CA TYR C 96 10.48 16.58 7.67
C TYR C 96 10.08 18.05 7.68
N ARG C 97 8.81 18.21 7.35
CA ARG C 97 8.12 19.49 7.33
C ARG C 97 7.69 19.97 8.71
N ASN C 98 7.38 19.06 9.62
CA ASN C 98 6.95 19.42 10.96
C ASN C 98 7.59 18.41 11.90
N ARG C 99 8.59 18.90 12.61
CA ARG C 99 9.39 18.10 13.49
C ARG C 99 8.99 18.20 14.94
N ASP C 100 7.74 18.54 15.24
CA ASP C 100 7.37 18.61 16.63
C ASP C 100 6.57 17.36 16.92
N ALA C 101 7.19 16.44 17.65
CA ALA C 101 6.59 15.15 17.97
C ALA C 101 5.21 15.20 18.65
N SER C 102 4.89 16.26 19.41
CA SER C 102 3.58 16.35 20.02
C SER C 102 2.49 16.94 19.12
N SER C 103 2.81 17.31 17.89
CA SER C 103 1.84 17.89 17.02
C SER C 103 1.17 16.77 16.24
N GLY C 104 -0.14 16.87 16.12
CA GLY C 104 -0.92 15.95 15.31
C GLY C 104 -0.62 16.04 13.81
N THR C 105 0.17 16.99 13.32
CA THR C 105 0.53 17.00 11.90
C THR C 105 2.03 16.80 11.72
N ASN C 106 2.75 16.35 12.76
CA ASN C 106 4.17 16.06 12.63
C ASN C 106 4.31 14.88 11.67
N ASP C 107 5.27 14.91 10.74
CA ASP C 107 5.43 13.82 9.78
C ASP C 107 6.56 12.87 10.15
N MET C 108 6.98 12.83 11.42
CA MET C 108 8.07 11.96 11.81
C MET C 108 7.59 10.60 12.28
N GLY C 109 6.36 10.48 12.78
CA GLY C 109 5.80 9.21 13.20
C GLY C 109 6.60 8.57 14.30
N LEU C 110 6.65 7.24 14.31
CA LEU C 110 7.44 6.59 15.34
C LEU C 110 8.93 6.51 15.03
N TRP C 111 9.44 6.86 13.85
CA TRP C 111 10.87 6.73 13.59
C TRP C 111 11.69 7.67 14.47
N TYR C 112 11.07 8.76 14.92
CA TYR C 112 11.65 9.69 15.87
C TYR C 112 11.98 8.99 17.20
N SER C 113 11.25 7.94 17.55
CA SER C 113 11.54 7.18 18.76
C SER C 113 12.71 6.24 18.54
N LYS C 114 13.34 6.26 17.37
CA LYS C 114 14.49 5.43 17.11
C LYS C 114 15.73 6.20 16.70
N ILE C 115 15.60 7.15 15.78
CA ILE C 115 16.72 7.90 15.22
C ILE C 115 16.45 9.42 15.31
N PRO C 116 17.42 10.35 15.27
CA PRO C 116 17.14 11.78 15.40
C PRO C 116 16.52 12.48 14.19
N THR C 117 15.25 12.16 13.89
CA THR C 117 14.53 12.74 12.76
C THR C 117 14.34 14.26 12.85
N GLU C 118 14.28 14.78 14.08
CA GLU C 118 14.21 16.23 14.31
C GLU C 118 15.42 16.92 13.71
N THR C 119 16.54 16.29 13.34
CA THR C 119 17.66 17.05 12.80
C THR C 119 17.59 17.19 11.29
N LEU C 120 16.50 16.74 10.65
CA LEU C 120 16.38 16.76 9.21
C LEU C 120 15.26 17.64 8.66
N PRO C 121 15.40 18.97 8.63
CA PRO C 121 14.43 19.89 8.09
C PRO C 121 14.27 19.84 6.57
N ALA C 122 13.03 19.94 6.09
CA ALA C 122 12.82 20.09 4.65
C ALA C 122 13.31 21.49 4.28
N ASP C 123 13.69 21.69 3.03
CA ASP C 123 14.20 22.94 2.47
C ASP C 123 15.43 23.56 3.13
N SER C 124 16.13 22.79 3.97
CA SER C 124 17.35 23.24 4.60
C SER C 124 18.45 22.93 3.59
N TYR C 125 19.64 23.44 3.88
CA TYR C 125 20.83 23.15 3.10
C TYR C 125 21.04 21.64 3.15
N TRP C 126 20.83 21.10 4.35
CA TRP C 126 21.01 19.70 4.61
C TRP C 126 20.10 18.78 3.82
N ALA C 127 18.95 19.29 3.41
CA ALA C 127 18.02 18.52 2.61
C ALA C 127 18.45 18.46 1.15
N GLN C 128 19.38 19.28 0.68
CA GLN C 128 19.72 19.30 -0.74
C GLN C 128 20.56 18.15 -1.23
N ILE C 129 20.26 17.72 -2.46
CA ILE C 129 21.03 16.68 -3.12
C ILE C 129 22.44 17.26 -3.31
N ASP C 130 23.43 16.41 -3.10
CA ASP C 130 24.81 16.84 -3.19
C ASP C 130 25.13 17.40 -4.58
N ASP C 131 25.79 18.57 -4.58
CA ASP C 131 26.14 19.30 -5.81
C ASP C 131 26.88 18.51 -6.85
N ARG C 132 27.77 17.63 -6.39
CA ARG C 132 28.56 16.80 -7.29
C ARG C 132 27.71 15.89 -8.15
N ILE C 133 26.52 15.50 -7.69
CA ILE C 133 25.67 14.60 -8.44
C ILE C 133 24.29 15.23 -8.66
N ALA C 134 24.29 16.55 -8.84
CA ALA C 134 23.06 17.31 -9.04
C ALA C 134 22.09 16.76 -10.09
N PRO C 135 20.78 16.74 -9.80
CA PRO C 135 19.76 16.25 -10.70
C PRO C 135 19.75 17.02 -12.01
N ALA C 136 19.55 16.32 -13.11
CA ALA C 136 19.40 16.94 -14.41
C ALA C 136 17.91 17.12 -14.58
N ASP C 137 17.51 17.91 -15.59
CA ASP C 137 16.11 18.19 -15.80
C ASP C 137 15.39 16.91 -16.22
N GLY C 138 14.25 16.69 -15.57
CA GLY C 138 13.44 15.51 -15.84
C GLY C 138 13.58 14.51 -14.71
N GLU C 139 14.65 14.58 -13.94
CA GLU C 139 14.88 13.65 -12.86
C GLU C 139 14.04 14.07 -11.68
N VAL C 140 13.60 13.10 -10.89
CA VAL C 140 12.69 13.38 -9.80
C VAL C 140 13.37 13.37 -8.44
N VAL C 141 13.17 14.38 -7.62
CA VAL C 141 13.69 14.36 -6.26
C VAL C 141 12.46 14.07 -5.36
N ILE C 142 12.48 12.97 -4.62
CA ILE C 142 11.40 12.54 -3.76
C ILE C 142 11.72 12.83 -2.30
N GLU C 143 10.87 13.60 -1.61
CA GLU C 143 11.07 13.81 -0.19
C GLU C 143 10.37 12.64 0.48
N LYS C 144 11.04 11.87 1.33
CA LYS C 144 10.42 10.72 1.97
C LYS C 144 10.49 10.85 3.48
N ASN C 145 9.65 10.11 4.21
CA ASN C 145 9.62 10.24 5.65
C ASN C 145 10.01 8.99 6.40
N ARG C 146 10.21 7.88 5.72
CA ARG C 146 10.54 6.62 6.39
C ARG C 146 11.71 5.98 5.66
N ALA C 147 12.36 4.97 6.23
CA ALA C 147 13.54 4.32 5.64
C ALA C 147 13.49 3.94 4.17
N SER C 148 12.53 3.08 3.79
CA SER C 148 12.43 2.70 2.39
C SER C 148 11.90 3.92 1.63
N ALA C 149 12.33 4.01 0.38
CA ALA C 149 11.84 5.03 -0.50
C ALA C 149 10.39 4.81 -0.95
N PHE C 150 9.74 3.69 -0.60
CA PHE C 150 8.38 3.46 -1.03
C PHE C 150 7.29 4.01 -0.09
N PRO C 151 7.24 3.76 1.23
CA PRO C 151 6.20 4.31 2.11
C PRO C 151 6.02 5.82 2.05
N GLY C 152 4.76 6.19 1.79
CA GLY C 152 4.32 7.55 1.75
C GLY C 152 4.82 8.37 0.58
N THR C 153 5.31 7.77 -0.49
CA THR C 153 5.80 8.55 -1.61
C THR C 153 5.10 8.02 -2.86
N ASN C 154 5.29 8.67 -3.99
CA ASN C 154 4.70 8.19 -5.24
C ASN C 154 5.62 7.39 -6.14
N LEU C 155 6.70 6.84 -5.59
CA LEU C 155 7.69 6.10 -6.37
C LEU C 155 7.05 4.92 -7.08
N GLU C 156 6.26 4.14 -6.34
CA GLU C 156 5.59 2.99 -6.91
C GLU C 156 4.64 3.37 -8.02
N LEU C 157 4.06 4.59 -7.98
CA LEU C 157 3.17 5.04 -9.05
C LEU C 157 3.95 5.16 -10.35
N PHE C 158 5.13 5.78 -10.33
CA PHE C 158 5.99 5.89 -11.50
C PHE C 158 6.43 4.52 -12.03
N LEU C 159 7.01 3.70 -11.16
CA LEU C 159 7.53 2.40 -11.58
C LEU C 159 6.48 1.47 -12.13
N THR C 160 5.29 1.36 -11.54
CA THR C 160 4.25 0.49 -12.09
C THR C 160 3.68 1.13 -13.32
N SER C 161 3.14 2.35 -13.29
CA SER C 161 2.53 2.97 -14.46
C SER C 161 3.46 3.02 -15.68
N ASN C 162 4.78 3.19 -15.49
CA ASN C 162 5.67 3.28 -16.63
C ASN C 162 6.44 1.98 -16.91
N ARG C 163 6.01 0.87 -16.28
CA ARG C 163 6.47 -0.48 -16.54
C ARG C 163 7.95 -0.76 -16.40
N ILE C 164 8.54 -0.21 -15.34
CA ILE C 164 9.95 -0.37 -15.04
C ILE C 164 10.12 -1.80 -14.51
N ASP C 165 11.16 -2.55 -14.88
CA ASP C 165 11.35 -3.85 -14.32
C ASP C 165 12.59 -3.94 -13.45
N THR C 166 13.51 -2.98 -13.44
CA THR C 166 14.75 -3.11 -12.69
C THR C 166 15.00 -1.83 -11.94
N LEU C 167 15.53 -1.89 -10.74
CA LEU C 167 15.79 -0.70 -9.99
C LEU C 167 17.22 -0.78 -9.50
N ILE C 168 18.06 0.15 -9.97
CA ILE C 168 19.46 0.23 -9.56
C ILE C 168 19.47 1.15 -8.35
N VAL C 169 19.90 0.69 -7.19
CA VAL C 169 19.82 1.45 -5.96
C VAL C 169 21.20 1.87 -5.48
N THR C 170 21.49 3.13 -5.19
CA THR C 170 22.80 3.53 -4.68
C THR C 170 22.55 4.26 -3.37
N GLY C 171 23.53 4.62 -2.55
CA GLY C 171 23.20 5.53 -1.47
C GLY C 171 23.57 5.11 -0.10
N ALA C 172 22.94 5.80 0.86
CA ALA C 172 23.19 5.65 2.28
C ALA C 172 21.91 5.36 3.05
N THR C 173 21.83 4.54 4.11
CA THR C 173 22.95 3.72 4.53
C THR C 173 22.63 2.26 4.20
N ALA C 174 23.64 1.37 4.21
CA ALA C 174 23.43 -0.06 4.01
C ALA C 174 22.52 -0.62 5.11
N ALA C 175 22.76 -0.23 6.35
CA ALA C 175 22.03 -0.70 7.51
C ALA C 175 20.72 0.01 7.78
N GLY C 176 20.18 0.74 6.82
CA GLY C 176 18.98 1.50 7.02
C GLY C 176 18.21 1.63 5.73
N CYS C 177 18.20 2.85 5.18
CA CYS C 177 17.43 3.12 3.99
C CYS C 177 17.74 2.33 2.72
N VAL C 178 18.99 1.93 2.47
CA VAL C 178 19.24 1.16 1.26
C VAL C 178 18.63 -0.24 1.41
N ARG C 179 18.86 -0.96 2.53
CA ARG C 179 18.32 -2.30 2.66
C ARG C 179 16.80 -2.27 2.61
N HIS C 180 16.09 -1.47 3.43
CA HIS C 180 14.63 -1.46 3.38
C HIS C 180 14.10 -1.17 1.97
N THR C 181 14.67 -0.21 1.22
CA THR C 181 14.27 0.03 -0.16
C THR C 181 14.45 -1.20 -1.06
N VAL C 182 15.58 -1.93 -0.98
CA VAL C 182 15.79 -3.09 -1.85
C VAL C 182 14.77 -4.18 -1.54
N GLU C 183 14.56 -4.50 -0.27
CA GLU C 183 13.64 -5.59 -0.05
C GLU C 183 12.21 -5.19 -0.35
N ASP C 184 11.84 -3.91 -0.19
CA ASP C 184 10.52 -3.49 -0.64
C ASP C 184 10.41 -3.66 -2.14
N ALA C 185 11.44 -3.28 -2.89
CA ALA C 185 11.44 -3.40 -4.34
C ALA C 185 11.26 -4.80 -4.90
N ILE C 186 11.98 -5.80 -4.39
CA ILE C 186 11.77 -7.14 -4.92
C ILE C 186 10.37 -7.62 -4.53
N ALA C 187 9.89 -7.25 -3.33
CA ALA C 187 8.55 -7.63 -2.86
C ALA C 187 7.50 -7.09 -3.84
N LYS C 188 7.60 -5.79 -4.18
CA LYS C 188 6.67 -5.17 -5.10
C LYS C 188 6.76 -5.63 -6.54
N GLY C 189 7.90 -6.15 -7.00
CA GLY C 189 7.99 -6.61 -8.37
C GLY C 189 9.08 -5.90 -9.17
N PHE C 190 10.14 -5.39 -8.58
CA PHE C 190 11.20 -4.71 -9.33
C PHE C 190 12.49 -5.39 -8.93
N ARG C 191 13.26 -5.78 -9.93
CA ARG C 191 14.53 -6.45 -9.74
C ARG C 191 15.57 -5.49 -9.19
N PRO C 192 16.06 -5.61 -7.95
CA PRO C 192 17.01 -4.68 -7.35
C PRO C 192 18.48 -4.99 -7.69
N ILE C 193 19.22 -4.02 -8.22
CA ILE C 193 20.63 -4.18 -8.52
C ILE C 193 21.37 -3.18 -7.61
N ILE C 194 22.38 -3.59 -6.85
CA ILE C 194 23.08 -2.71 -5.94
C ILE C 194 24.53 -2.58 -6.39
N PRO C 195 25.02 -1.44 -6.92
CA PRO C 195 26.45 -1.18 -7.19
C PRO C 195 27.16 -1.08 -5.86
N ARG C 196 27.87 -2.12 -5.47
CA ARG C 196 28.58 -2.19 -4.21
C ARG C 196 29.38 -0.97 -3.84
N GLU C 197 30.08 -0.36 -4.79
CA GLU C 197 30.92 0.79 -4.49
C GLU C 197 30.11 2.04 -4.14
N THR C 198 28.82 2.09 -4.40
CA THR C 198 28.07 3.29 -4.13
C THR C 198 27.26 3.18 -2.84
N ILE C 199 27.49 2.14 -2.03
CA ILE C 199 26.70 1.96 -0.83
C ILE C 199 27.50 2.43 0.36
N GLY C 200 26.99 3.29 1.24
CA GLY C 200 27.79 3.77 2.34
C GLY C 200 27.13 3.59 3.69
N ASP C 201 27.86 3.88 4.77
CA ASP C 201 27.35 3.80 6.12
C ASP C 201 28.31 4.49 7.07
N ARG C 202 28.07 4.46 8.39
CA ARG C 202 28.85 5.21 9.34
C ARG C 202 29.43 4.43 10.50
N VAL C 203 29.28 3.11 10.61
CA VAL C 203 29.83 2.38 11.75
C VAL C 203 30.49 1.11 11.18
N PRO C 204 31.35 0.34 11.88
CA PRO C 204 31.97 -0.84 11.30
C PRO C 204 31.08 -2.04 11.02
N GLY C 205 31.48 -2.78 10.00
CA GLY C 205 30.88 -4.05 9.60
C GLY C 205 29.56 -3.99 8.86
N VAL C 206 28.70 -3.03 9.17
CA VAL C 206 27.36 -2.99 8.57
C VAL C 206 27.30 -3.09 7.07
N VAL C 207 28.19 -2.42 6.33
CA VAL C 207 28.11 -2.48 4.87
C VAL C 207 28.34 -3.92 4.41
N GLN C 208 29.36 -4.53 4.99
CA GLN C 208 29.71 -5.90 4.67
C GLN C 208 28.55 -6.84 4.97
N TRP C 209 28.05 -6.94 6.20
CA TRP C 209 26.98 -7.89 6.47
C TRP C 209 25.64 -7.54 5.84
N ASN C 210 25.27 -6.27 5.69
CA ASN C 210 24.04 -5.93 5.02
C ASN C 210 24.16 -6.22 3.55
N LEU C 211 25.26 -6.00 2.84
CA LEU C 211 25.30 -6.37 1.43
C LEU C 211 25.30 -7.90 1.27
N TYR C 212 25.89 -8.64 2.20
CA TYR C 212 25.82 -10.10 2.19
C TYR C 212 24.36 -10.51 2.29
N ASP C 213 23.64 -10.09 3.33
CA ASP C 213 22.24 -10.43 3.50
C ASP C 213 21.38 -10.05 2.31
N ILE C 214 21.59 -8.87 1.72
CA ILE C 214 20.84 -8.48 0.54
C ILE C 214 21.12 -9.42 -0.61
N ASP C 215 22.38 -9.76 -0.89
CA ASP C 215 22.66 -10.58 -2.06
C ASP C 215 22.12 -12.00 -1.90
N ASN C 216 22.00 -12.45 -0.67
CA ASN C 216 21.46 -13.78 -0.42
C ASN C 216 19.98 -13.92 -0.71
N LYS C 217 19.15 -12.90 -0.41
CA LYS C 217 17.70 -13.03 -0.52
C LYS C 217 16.97 -11.89 -1.18
N PHE C 218 17.55 -10.72 -1.45
CA PHE C 218 16.77 -9.58 -1.90
C PHE C 218 17.20 -8.90 -3.19
N GLY C 219 18.48 -8.89 -3.58
CA GLY C 219 18.84 -8.25 -4.84
C GLY C 219 20.23 -8.71 -5.26
N ASP C 220 20.77 -8.28 -6.40
CA ASP C 220 22.12 -8.69 -6.76
C ASP C 220 23.08 -7.55 -6.50
N VAL C 221 24.10 -7.81 -5.69
CA VAL C 221 25.12 -6.83 -5.39
C VAL C 221 26.12 -7.03 -6.54
N GLU C 222 26.37 -5.99 -7.31
CA GLU C 222 27.25 -6.02 -8.48
C GLU C 222 28.28 -4.92 -8.31
N SER C 223 29.27 -4.89 -9.21
CA SER C 223 30.25 -3.83 -9.23
C SER C 223 29.66 -2.68 -10.05
N THR C 224 30.18 -1.44 -9.90
CA THR C 224 29.69 -0.32 -10.69
C THR C 224 30.04 -0.56 -12.16
N ASP C 225 31.17 -1.23 -12.42
CA ASP C 225 31.58 -1.51 -13.80
C ASP C 225 30.52 -2.34 -14.48
N SER C 226 30.01 -3.32 -13.76
CA SER C 226 28.97 -4.19 -14.28
C SER C 226 27.73 -3.38 -14.62
N VAL C 227 27.29 -2.55 -13.69
CA VAL C 227 26.11 -1.73 -13.91
C VAL C 227 26.30 -0.77 -15.09
N VAL C 228 27.47 -0.13 -15.20
CA VAL C 228 27.76 0.80 -16.29
C VAL C 228 27.76 0.02 -17.60
N GLN C 229 28.35 -1.17 -17.63
CA GLN C 229 28.36 -1.95 -18.85
C GLN C 229 26.93 -2.29 -19.28
N TYR C 230 26.07 -2.67 -18.34
CA TYR C 230 24.66 -2.94 -18.62
C TYR C 230 23.96 -1.74 -19.27
N LEU C 231 24.07 -0.57 -18.65
CA LEU C 231 23.42 0.62 -19.16
C LEU C 231 24.00 1.03 -20.50
N ASP C 232 25.29 0.85 -20.72
CA ASP C 232 25.91 1.19 -22.01
C ASP C 232 25.41 0.28 -23.11
N ALA C 233 25.03 -0.96 -22.77
CA ALA C 233 24.51 -1.92 -23.74
C ALA C 233 23.01 -1.76 -24.05
N LEU C 234 22.30 -1.04 -23.17
CA LEU C 234 20.88 -0.81 -23.27
C LEU C 234 20.44 -0.17 -24.59
N PRO C 235 19.30 -0.48 -25.20
CA PRO C 235 18.70 0.42 -26.18
C PRO C 235 18.26 1.72 -25.52
N GLN C 236 17.90 2.72 -26.31
CA GLN C 236 17.38 3.99 -25.79
C GLN C 236 16.16 3.64 -24.94
N PHE C 237 16.00 4.27 -23.78
CA PHE C 237 14.92 3.96 -22.85
C PHE C 237 13.56 3.89 -23.51
N GLU C 238 13.14 4.89 -24.29
CA GLU C 238 11.89 4.87 -25.04
C GLU C 238 11.60 3.58 -25.82
N ASP C 239 12.62 2.79 -26.15
CA ASP C 239 12.48 1.57 -26.93
C ASP C 239 12.54 0.32 -26.06
N THR C 240 12.79 0.34 -24.74
CA THR C 240 12.90 -0.90 -23.98
C THR C 240 11.54 -1.46 -23.57
N VAL C 241 11.39 -2.77 -23.40
CA VAL C 241 10.15 -3.37 -22.97
C VAL C 241 10.52 -4.27 -21.80
N PRO C 242 9.78 -4.31 -20.69
CA PRO C 242 10.13 -5.15 -19.56
C PRO C 242 10.08 -6.67 -19.82
N LYS C 243 10.84 -7.39 -18.98
CA LYS C 243 10.83 -8.85 -18.99
C LYS C 243 9.55 -9.13 -18.20
N THR C 244 8.62 -9.88 -18.77
CA THR C 244 7.32 -10.11 -18.17
C THR C 244 7.22 -11.10 -17.01
N LEU C 245 8.19 -12.00 -16.80
CA LEU C 245 8.11 -12.98 -15.71
C LEU C 245 9.53 -13.13 -15.17
N SER C 246 9.75 -14.00 -14.19
CA SER C 246 11.07 -14.24 -13.63
C SER C 246 11.97 -14.91 -14.65
N ASP C 247 13.29 -14.79 -14.48
CA ASP C 247 14.22 -15.56 -15.28
C ASP C 247 14.12 -16.99 -14.72
N PRO C 248 14.29 -18.04 -15.53
CA PRO C 248 14.36 -19.42 -15.07
C PRO C 248 15.48 -19.63 -14.06
N GLN C 249 15.13 -20.39 -13.02
CA GLN C 249 16.06 -20.67 -11.97
C GLN C 249 16.30 -22.17 -11.85
N PRO C 250 17.47 -22.62 -11.34
CA PRO C 250 17.72 -24.01 -10.98
C PRO C 250 16.79 -24.42 -9.83
N GLU C 251 15.76 -25.19 -10.15
CA GLU C 251 14.81 -25.54 -9.12
C GLU C 251 15.16 -26.68 -8.21
N VAL C 252 14.97 -26.37 -6.93
CA VAL C 252 15.17 -27.30 -5.85
C VAL C 252 13.85 -28.08 -5.72
N GLU C 253 14.08 -29.32 -5.36
CA GLU C 253 13.05 -30.34 -5.15
C GLU C 253 12.27 -30.11 -3.87
N ALA C 254 10.97 -29.79 -4.01
CA ALA C 254 10.05 -29.57 -2.90
C ALA C 254 9.89 -30.85 -2.09
N PRO C 255 10.25 -30.92 -0.80
CA PRO C 255 10.25 -32.15 -0.03
C PRO C 255 8.86 -32.73 0.14
N ALA C 256 8.76 -34.05 0.02
CA ALA C 256 7.50 -34.74 0.20
C ALA C 256 7.13 -34.74 1.68
N ASP C 257 5.83 -34.68 1.94
CA ASP C 257 5.30 -34.68 3.29
C ASP C 257 5.55 -36.02 4.01
N PRO C 258 6.22 -36.11 5.17
CA PRO C 258 6.58 -37.38 5.82
C PRO C 258 5.44 -38.35 6.13
N VAL C 259 4.21 -37.85 6.18
CA VAL C 259 3.03 -38.64 6.43
C VAL C 259 1.87 -37.83 5.86
N THR D 7 38.50 -32.66 13.78
CA THR D 7 38.21 -31.27 13.46
C THR D 7 37.35 -30.68 14.59
N PHE D 8 37.21 -29.36 14.50
CA PHE D 8 36.45 -28.48 15.37
C PHE D 8 37.12 -27.17 15.07
N ASN D 9 36.31 -26.18 14.79
CA ASN D 9 36.80 -24.84 14.53
C ASN D 9 35.94 -23.99 15.42
N ASP D 10 36.52 -23.13 16.23
CA ASP D 10 35.78 -22.32 17.17
C ASP D 10 35.13 -21.07 16.56
N ILE D 11 34.62 -21.22 15.33
CA ILE D 11 34.09 -20.10 14.55
C ILE D 11 32.93 -19.37 15.20
N GLU D 12 31.98 -20.07 15.84
CA GLU D 12 30.86 -19.42 16.48
C GLU D 12 31.32 -18.50 17.59
N ALA D 13 32.16 -19.00 18.49
CA ALA D 13 32.64 -18.20 19.61
C ALA D 13 33.61 -17.11 19.13
N ARG D 14 34.45 -17.36 18.13
CA ARG D 14 35.32 -16.34 17.60
C ARG D 14 34.50 -15.20 16.96
N LEU D 15 33.52 -15.52 16.11
CA LEU D 15 32.66 -14.53 15.47
C LEU D 15 31.85 -13.77 16.53
N ALA D 16 31.29 -14.43 17.57
CA ALA D 16 30.55 -13.71 18.59
C ALA D 16 31.42 -12.71 19.33
N ALA D 17 32.66 -13.07 19.64
CA ALA D 17 33.57 -12.16 20.31
C ALA D 17 33.94 -10.97 19.41
N VAL D 18 34.24 -11.14 18.12
CA VAL D 18 34.59 -9.94 17.35
C VAL D 18 33.36 -9.13 16.95
N LEU D 19 32.20 -9.74 16.68
CA LEU D 19 30.98 -8.97 16.41
C LEU D 19 30.69 -8.14 17.64
N GLU D 20 30.87 -8.65 18.87
CA GLU D 20 30.65 -7.85 20.06
C GLU D 20 31.56 -6.62 20.04
N GLU D 21 32.82 -6.76 19.64
CA GLU D 21 33.71 -5.63 19.51
C GLU D 21 33.17 -4.64 18.49
N ALA D 22 32.65 -5.10 17.35
CA ALA D 22 32.06 -4.17 16.38
C ALA D 22 30.83 -3.48 16.98
N PHE D 23 30.04 -4.23 17.77
CA PHE D 23 28.84 -3.71 18.37
C PHE D 23 29.19 -2.64 19.37
N GLU D 24 30.24 -2.80 20.19
CA GLU D 24 30.62 -1.76 21.13
C GLU D 24 31.00 -0.50 20.37
N ALA D 25 31.81 -0.62 19.32
CA ALA D 25 32.21 0.54 18.52
C ALA D 25 31.03 1.25 17.89
N GLY D 26 30.15 0.54 17.19
CA GLY D 26 29.00 1.12 16.55
C GLY D 26 28.08 1.81 17.55
N THR D 27 27.82 1.17 18.70
CA THR D 27 27.00 1.73 19.74
C THR D 27 27.55 3.06 20.22
N SER D 28 28.86 3.22 20.47
CA SER D 28 29.40 4.52 20.83
C SER D 28 29.06 5.57 19.78
N ILE D 29 29.21 5.25 18.51
CA ILE D 29 28.94 6.20 17.45
C ILE D 29 27.46 6.54 17.47
N TYR D 30 26.59 5.53 17.45
CA TYR D 30 25.16 5.75 17.46
C TYR D 30 24.68 6.55 18.65
N ASN D 31 25.18 6.26 19.84
CA ASN D 31 24.76 6.95 21.04
C ASN D 31 25.09 8.41 20.91
N GLU D 32 26.32 8.69 20.48
CA GLU D 32 26.76 10.06 20.30
C GLU D 32 25.90 10.81 19.32
N ARG D 33 25.53 10.17 18.22
CA ARG D 33 24.71 10.81 17.23
C ARG D 33 23.24 10.82 17.63
N GLY D 34 22.80 10.07 18.65
CA GLY D 34 21.41 10.11 19.09
C GLY D 34 20.53 9.08 18.40
N PHE D 35 21.14 8.02 17.87
CA PHE D 35 20.38 6.93 17.30
C PHE D 35 20.19 5.95 18.45
N LYS D 36 19.59 4.79 18.18
CA LYS D 36 19.38 3.70 19.15
C LYS D 36 18.55 4.16 20.34
N ARG D 37 17.51 4.95 20.03
CA ARG D 37 16.64 5.48 21.07
C ARG D 37 15.65 4.37 21.41
N ARG D 38 14.93 4.42 22.51
CA ARG D 38 13.99 3.34 22.80
C ARG D 38 12.62 3.73 22.26
N ILE D 39 12.00 2.94 21.38
CA ILE D 39 10.65 3.23 20.95
C ILE D 39 9.69 2.98 22.11
N GLY D 40 9.97 2.04 23.00
CA GLY D 40 9.14 1.76 24.15
C GLY D 40 7.91 0.96 23.79
N TYR D 41 7.35 0.26 24.79
CA TYR D 41 6.10 -0.50 24.62
C TYR D 41 4.91 0.46 24.58
N GLY D 42 3.93 0.18 23.72
CA GLY D 42 2.72 0.96 23.74
C GLY D 42 1.71 0.30 24.67
N ASN D 43 0.45 0.70 24.57
CA ASN D 43 -0.60 0.16 25.42
C ASN D 43 -1.57 -0.85 24.86
N ARG D 44 -1.58 -1.13 23.58
CA ARG D 44 -2.58 -1.99 22.98
C ARG D 44 -1.86 -2.90 21.98
N PRO D 45 -1.32 -4.06 22.40
CA PRO D 45 -0.44 -4.90 21.60
C PRO D 45 -1.08 -6.02 20.78
N ALA D 46 -0.39 -6.48 19.74
CA ALA D 46 -0.76 -7.67 18.97
C ALA D 46 0.53 -8.48 18.91
N VAL D 47 0.46 -9.79 18.74
CA VAL D 47 1.65 -10.64 18.69
C VAL D 47 1.63 -11.21 17.30
N ILE D 48 2.73 -11.25 16.55
CA ILE D 48 2.70 -11.93 15.27
C ILE D 48 3.89 -12.89 15.26
N HIS D 49 3.62 -14.14 14.92
CA HIS D 49 4.64 -15.16 14.87
C HIS D 49 4.97 -15.37 13.40
N ILE D 50 6.20 -15.04 12.99
CA ILE D 50 6.56 -15.16 11.57
C ILE D 50 7.15 -16.52 11.20
N ASP D 51 6.38 -17.18 10.35
CA ASP D 51 6.71 -18.44 9.71
C ASP D 51 7.25 -19.55 10.60
N LEU D 52 6.55 -19.82 11.68
CA LEU D 52 6.92 -20.95 12.50
C LEU D 52 6.02 -22.13 12.07
N ALA D 53 6.11 -22.41 10.78
CA ALA D 53 5.42 -23.51 10.16
C ALA D 53 6.44 -24.63 9.98
N ASN D 54 6.00 -25.85 9.66
CA ASN D 54 6.89 -27.01 9.62
C ASN D 54 8.10 -26.89 8.72
N ALA D 55 8.02 -26.21 7.59
CA ALA D 55 9.19 -25.99 6.74
C ALA D 55 10.37 -25.30 7.41
N TRP D 56 10.11 -24.55 8.50
CA TRP D 56 11.11 -23.82 9.29
C TRP D 56 11.37 -24.51 10.61
N THR D 57 10.34 -25.04 11.26
CA THR D 57 10.53 -25.63 12.57
C THR D 57 10.93 -27.09 12.55
N GLN D 58 10.65 -27.84 11.48
CA GLN D 58 10.96 -29.25 11.43
C GLN D 58 12.20 -29.46 10.57
N PRO D 59 13.07 -30.46 10.79
CA PRO D 59 14.23 -30.71 9.95
C PRO D 59 13.78 -31.35 8.66
N GLY D 60 14.60 -31.22 7.65
CA GLY D 60 14.32 -31.90 6.42
C GLY D 60 13.84 -31.00 5.32
N HIS D 61 13.69 -29.68 5.49
CA HIS D 61 13.19 -28.85 4.39
C HIS D 61 14.31 -27.87 4.04
N PRO D 62 14.52 -27.37 2.83
CA PRO D 62 15.48 -26.29 2.56
C PRO D 62 15.39 -25.03 3.43
N PHE D 63 14.30 -24.83 4.16
CA PHE D 63 14.11 -23.64 4.96
C PHE D 63 14.22 -23.94 6.45
N SER D 64 14.61 -25.17 6.86
CA SER D 64 14.62 -25.52 8.27
C SER D 64 15.63 -24.73 9.07
N CYS D 65 15.25 -24.26 10.24
CA CYS D 65 16.16 -23.52 11.07
C CYS D 65 16.43 -24.42 12.25
N PRO D 66 17.68 -24.48 12.70
CA PRO D 66 18.05 -25.01 14.02
C PRO D 66 17.60 -24.13 15.18
N GLY D 67 17.70 -24.64 16.42
CA GLY D 67 17.42 -23.84 17.61
C GLY D 67 15.96 -23.77 18.02
N MET D 68 15.07 -24.46 17.30
CA MET D 68 13.66 -24.47 17.65
C MET D 68 13.37 -24.91 19.09
N GLU D 69 14.24 -25.74 19.65
CA GLU D 69 14.08 -26.21 21.01
C GLU D 69 14.18 -25.08 22.04
N THR D 70 14.86 -23.99 21.70
CA THR D 70 14.96 -22.81 22.54
C THR D 70 13.83 -21.85 22.18
N ILE D 71 13.52 -21.73 20.89
CA ILE D 71 12.54 -20.80 20.36
C ILE D 71 11.10 -21.14 20.76
N ILE D 72 10.62 -22.32 20.40
CA ILE D 72 9.25 -22.73 20.68
C ILE D 72 8.81 -22.56 22.13
N PRO D 73 9.51 -22.97 23.20
CA PRO D 73 9.06 -22.73 24.57
C PRO D 73 8.90 -21.27 24.93
N ASN D 74 9.74 -20.40 24.37
CA ASN D 74 9.64 -18.97 24.63
C ASN D 74 8.44 -18.42 23.87
N VAL D 75 8.21 -18.89 22.64
CA VAL D 75 7.04 -18.50 21.86
C VAL D 75 5.77 -18.92 22.63
N GLN D 76 5.77 -20.13 23.19
CA GLN D 76 4.66 -20.62 23.98
C GLN D 76 4.44 -19.76 25.20
N ARG D 77 5.50 -19.28 25.88
CA ARG D 77 5.34 -18.40 27.02
C ARG D 77 4.60 -17.13 26.64
N ILE D 78 4.93 -16.52 25.51
CA ILE D 78 4.26 -15.31 25.06
C ILE D 78 2.82 -15.64 24.72
N ASN D 79 2.54 -16.73 24.00
CA ASN D 79 1.16 -17.09 23.66
C ASN D 79 0.31 -17.26 24.91
N GLU D 80 0.76 -18.06 25.88
CA GLU D 80 0.04 -18.27 27.13
C GLU D 80 -0.22 -16.94 27.84
N ALA D 81 0.73 -16.01 27.88
CA ALA D 81 0.51 -14.73 28.52
C ALA D 81 -0.46 -13.86 27.73
N ALA D 82 -0.40 -13.91 26.41
CA ALA D 82 -1.26 -13.10 25.57
C ALA D 82 -2.70 -13.57 25.61
N ARG D 83 -2.95 -14.86 25.43
CA ARG D 83 -4.34 -15.30 25.42
C ARG D 83 -4.99 -15.19 26.78
N ALA D 84 -4.24 -15.09 27.88
CA ALA D 84 -4.82 -14.74 29.18
C ALA D 84 -5.42 -13.33 29.23
N LYS D 85 -5.02 -12.44 28.34
CA LYS D 85 -5.51 -11.06 28.32
C LYS D 85 -6.36 -10.75 27.11
N GLY D 86 -6.65 -11.73 26.25
CA GLY D 86 -7.42 -11.50 25.04
C GLY D 86 -6.63 -10.73 23.98
N VAL D 87 -5.31 -10.76 24.04
CA VAL D 87 -4.45 -10.05 23.10
C VAL D 87 -4.50 -10.77 21.74
N PRO D 88 -4.65 -10.08 20.60
CA PRO D 88 -4.67 -10.64 19.26
C PRO D 88 -3.37 -11.36 18.92
N VAL D 89 -3.45 -12.57 18.39
CA VAL D 89 -2.26 -13.31 18.02
C VAL D 89 -2.45 -13.67 16.57
N PHE D 90 -1.44 -13.35 15.76
CA PHE D 90 -1.40 -13.64 14.34
C PHE D 90 -0.24 -14.57 14.04
N TYR D 91 -0.37 -15.44 13.05
CA TYR D 91 0.68 -16.36 12.64
C TYR D 91 0.84 -16.16 11.15
N THR D 92 2.03 -16.20 10.57
CA THR D 92 2.11 -16.20 9.11
C THR D 92 2.66 -17.54 8.65
N THR D 93 2.44 -17.94 7.42
CA THR D 93 3.15 -19.06 6.84
C THR D 93 3.41 -18.57 5.41
N ASN D 94 4.63 -18.73 4.92
CA ASN D 94 4.97 -18.17 3.62
C ASN D 94 4.75 -19.25 2.58
N VAL D 95 3.62 -19.35 1.86
CA VAL D 95 3.38 -20.48 0.97
C VAL D 95 2.78 -20.05 -0.35
N TYR D 96 2.88 -20.88 -1.37
CA TYR D 96 2.44 -20.49 -2.68
C TYR D 96 1.46 -21.48 -3.25
N ARG D 97 0.46 -20.95 -3.97
CA ARG D 97 -0.54 -21.79 -4.60
C ARG D 97 -0.24 -22.09 -6.06
N ASN D 98 0.72 -21.44 -6.71
CA ASN D 98 1.02 -21.73 -8.10
C ASN D 98 2.50 -21.45 -8.28
N ARG D 99 3.24 -22.57 -8.19
CA ARG D 99 4.69 -22.56 -8.24
C ARG D 99 5.35 -22.73 -9.61
N ASP D 100 4.58 -22.43 -10.65
CA ASP D 100 5.04 -22.57 -12.01
C ASP D 100 5.41 -21.15 -12.40
N ALA D 101 6.69 -20.76 -12.30
CA ALA D 101 7.14 -19.41 -12.64
C ALA D 101 6.85 -18.96 -14.07
N SER D 102 6.50 -19.91 -14.95
CA SER D 102 6.04 -19.60 -16.31
C SER D 102 4.60 -19.11 -16.37
N SER D 103 3.87 -19.25 -15.27
CA SER D 103 2.46 -18.92 -15.24
C SER D 103 2.22 -17.47 -14.90
N GLY D 104 1.15 -17.00 -15.53
CA GLY D 104 0.66 -15.66 -15.34
C GLY D 104 -0.09 -15.58 -14.01
N THR D 105 -0.47 -16.71 -13.39
CA THR D 105 -1.12 -16.67 -12.09
C THR D 105 -0.23 -17.23 -11.00
N ASN D 106 1.07 -17.29 -11.28
CA ASN D 106 2.01 -17.80 -10.28
C ASN D 106 2.09 -16.69 -9.25
N ASP D 107 2.25 -17.02 -7.98
CA ASP D 107 2.23 -16.00 -6.96
C ASP D 107 3.59 -15.85 -6.30
N MET D 108 4.64 -16.28 -6.99
CA MET D 108 5.98 -16.18 -6.39
C MET D 108 6.74 -14.92 -6.78
N GLY D 109 6.26 -14.24 -7.83
CA GLY D 109 6.86 -13.01 -8.32
C GLY D 109 8.36 -13.14 -8.52
N LEU D 110 9.14 -12.12 -8.20
CA LEU D 110 10.58 -12.18 -8.36
C LEU D 110 11.29 -12.79 -7.16
N TRP D 111 10.64 -13.17 -6.04
CA TRP D 111 11.38 -13.73 -4.91
C TRP D 111 11.86 -15.15 -5.27
N TYR D 112 11.20 -15.77 -6.26
CA TYR D 112 11.67 -17.01 -6.87
C TYR D 112 13.05 -16.82 -7.50
N SER D 113 13.44 -15.64 -7.99
CA SER D 113 14.78 -15.48 -8.55
C SER D 113 15.82 -15.29 -7.46
N LYS D 114 15.48 -15.44 -6.18
CA LYS D 114 16.45 -15.31 -5.12
C LYS D 114 16.46 -16.50 -4.17
N ILE D 115 15.30 -16.98 -3.72
CA ILE D 115 15.25 -18.07 -2.77
C ILE D 115 14.37 -19.18 -3.35
N PRO D 116 14.39 -20.44 -2.88
CA PRO D 116 13.60 -21.51 -3.47
C PRO D 116 12.11 -21.49 -3.09
N THR D 117 11.35 -20.53 -3.63
CA THR D 117 9.93 -20.39 -3.28
C THR D 117 9.10 -21.60 -3.69
N GLU D 118 9.46 -22.22 -4.81
CA GLU D 118 8.74 -23.38 -5.27
C GLU D 118 8.84 -24.57 -4.34
N THR D 119 9.60 -24.53 -3.24
CA THR D 119 9.63 -25.65 -2.32
C THR D 119 8.59 -25.44 -1.20
N LEU D 120 7.75 -24.39 -1.24
CA LEU D 120 6.80 -24.10 -0.19
C LEU D 120 5.34 -24.15 -0.65
N PRO D 121 4.72 -25.32 -0.82
CA PRO D 121 3.35 -25.47 -1.30
C PRO D 121 2.30 -25.09 -0.26
N ALA D 122 1.25 -24.39 -0.62
CA ALA D 122 0.20 -24.10 0.36
C ALA D 122 -0.55 -25.40 0.62
N ASP D 123 -1.06 -25.54 1.84
CA ASP D 123 -1.82 -26.71 2.29
C ASP D 123 -1.10 -28.06 2.32
N SER D 124 0.21 -28.03 2.37
CA SER D 124 0.99 -29.24 2.55
C SER D 124 1.38 -29.27 4.03
N TYR D 125 1.92 -30.39 4.52
CA TYR D 125 2.49 -30.47 5.87
C TYR D 125 3.43 -29.31 6.20
N TRP D 126 4.29 -29.01 5.22
CA TRP D 126 5.29 -27.97 5.38
C TRP D 126 4.73 -26.59 5.67
N ALA D 127 3.55 -26.33 5.10
CA ALA D 127 2.83 -25.09 5.25
C ALA D 127 2.11 -24.99 6.59
N GLN D 128 1.99 -26.06 7.36
CA GLN D 128 1.18 -26.05 8.56
C GLN D 128 1.98 -25.55 9.74
N ILE D 129 1.34 -24.67 10.52
CA ILE D 129 1.93 -24.08 11.73
C ILE D 129 2.24 -25.27 12.62
N ASP D 130 3.37 -25.20 13.29
CA ASP D 130 3.84 -26.27 14.13
C ASP D 130 2.86 -26.56 15.26
N ASP D 131 2.66 -27.86 15.48
CA ASP D 131 1.74 -28.38 16.48
C ASP D 131 1.96 -27.89 17.89
N ARG D 132 3.22 -27.71 18.27
CA ARG D 132 3.54 -27.24 19.60
C ARG D 132 2.97 -25.86 19.88
N ILE D 133 2.69 -25.05 18.85
CA ILE D 133 2.12 -23.71 19.04
C ILE D 133 0.86 -23.54 18.20
N ALA D 134 0.05 -24.59 18.07
CA ALA D 134 -1.18 -24.58 17.28
C ALA D 134 -2.03 -23.32 17.46
N PRO D 135 -2.57 -22.64 16.44
CA PRO D 135 -3.51 -21.54 16.60
C PRO D 135 -4.73 -21.89 17.46
N ALA D 136 -5.00 -21.07 18.46
CA ALA D 136 -6.19 -21.20 19.29
C ALA D 136 -7.36 -20.57 18.55
N ASP D 137 -8.58 -20.76 19.05
CA ASP D 137 -9.77 -20.24 18.39
C ASP D 137 -9.71 -18.73 18.31
N GLY D 138 -9.98 -18.25 17.11
CA GLY D 138 -9.98 -16.83 16.89
C GLY D 138 -8.62 -16.29 16.47
N GLU D 139 -7.51 -17.01 16.61
CA GLU D 139 -6.24 -16.48 16.20
C GLU D 139 -6.16 -16.53 14.67
N VAL D 140 -5.41 -15.65 14.00
CA VAL D 140 -5.38 -15.56 12.55
C VAL D 140 -4.16 -16.23 11.90
N VAL D 141 -4.31 -16.98 10.81
CA VAL D 141 -3.15 -17.51 10.10
C VAL D 141 -3.19 -16.82 8.76
N ILE D 142 -2.15 -16.05 8.46
CA ILE D 142 -2.01 -15.29 7.23
C ILE D 142 -1.08 -16.04 6.29
N GLU D 143 -1.51 -16.41 5.09
CA GLU D 143 -0.63 -17.01 4.10
C GLU D 143 -0.01 -15.81 3.41
N LYS D 144 1.30 -15.67 3.46
CA LYS D 144 1.97 -14.53 2.84
C LYS D 144 2.81 -14.99 1.67
N ASN D 145 3.12 -14.07 0.75
CA ASN D 145 3.89 -14.40 -0.44
C ASN D 145 5.26 -13.77 -0.49
N ARG D 146 5.61 -12.84 0.38
CA ARG D 146 6.88 -12.12 0.33
C ARG D 146 7.45 -12.09 1.72
N ALA D 147 8.69 -11.64 1.91
CA ALA D 147 9.34 -11.61 3.22
C ALA D 147 8.60 -10.93 4.37
N SER D 148 8.20 -9.69 4.20
CA SER D 148 7.48 -9.01 5.25
C SER D 148 6.07 -9.57 5.22
N ALA D 149 5.53 -9.64 6.44
CA ALA D 149 4.16 -10.06 6.65
C ALA D 149 3.15 -9.06 6.09
N PHE D 150 3.54 -7.82 5.76
CA PHE D 150 2.60 -6.84 5.25
C PHE D 150 2.27 -6.90 3.76
N PRO D 151 3.22 -6.93 2.81
CA PRO D 151 2.87 -6.93 1.39
C PRO D 151 1.95 -8.06 0.99
N GLY D 152 0.92 -7.66 0.27
CA GLY D 152 -0.07 -8.60 -0.23
C GLY D 152 -0.91 -9.27 0.85
N THR D 153 -0.88 -8.88 2.11
CA THR D 153 -1.77 -9.52 3.07
C THR D 153 -2.69 -8.43 3.60
N ASN D 154 -3.60 -8.87 4.46
CA ASN D 154 -4.48 -7.97 5.14
C ASN D 154 -4.03 -7.62 6.54
N LEU D 155 -2.76 -7.86 6.91
CA LEU D 155 -2.35 -7.58 8.29
C LEU D 155 -2.59 -6.11 8.67
N GLU D 156 -2.21 -5.18 7.80
CA GLU D 156 -2.33 -3.76 8.10
C GLU D 156 -3.76 -3.33 8.34
N LEU D 157 -4.71 -3.99 7.68
CA LEU D 157 -6.13 -3.74 7.87
C LEU D 157 -6.55 -4.07 9.30
N PHE D 158 -6.11 -5.19 9.89
CA PHE D 158 -6.44 -5.49 11.26
C PHE D 158 -5.79 -4.47 12.21
N LEU D 159 -4.50 -4.19 12.00
CA LEU D 159 -3.75 -3.36 12.92
C LEU D 159 -4.23 -1.90 12.95
N THR D 160 -4.53 -1.33 11.79
CA THR D 160 -5.06 0.01 11.71
C THR D 160 -6.50 0.01 12.20
N SER D 161 -7.44 -0.76 11.65
CA SER D 161 -8.84 -0.76 12.11
C SER D 161 -9.03 -1.06 13.58
N ASN D 162 -8.20 -1.89 14.21
CA ASN D 162 -8.41 -2.21 15.61
C ASN D 162 -7.49 -1.44 16.53
N ARG D 163 -6.91 -0.36 16.02
CA ARG D 163 -6.06 0.56 16.77
C ARG D 163 -4.95 -0.06 17.60
N ILE D 164 -4.19 -0.96 16.98
CA ILE D 164 -3.08 -1.64 17.64
C ILE D 164 -1.91 -0.66 17.71
N ASP D 165 -1.14 -0.51 18.78
CA ASP D 165 0.02 0.38 18.69
C ASP D 165 1.33 -0.38 18.88
N THR D 166 1.34 -1.66 19.23
CA THR D 166 2.56 -2.40 19.49
C THR D 166 2.46 -3.73 18.81
N LEU D 167 3.54 -4.08 18.12
CA LEU D 167 3.63 -5.36 17.44
C LEU D 167 4.82 -6.13 18.00
N ILE D 168 4.57 -7.21 18.72
CA ILE D 168 5.62 -8.08 19.26
C ILE D 168 5.83 -9.09 18.15
N VAL D 169 7.06 -9.23 17.64
CA VAL D 169 7.34 -10.05 16.48
C VAL D 169 8.23 -11.21 16.85
N THR D 170 7.93 -12.46 16.47
CA THR D 170 8.82 -13.58 16.79
C THR D 170 9.11 -14.34 15.50
N GLY D 171 9.91 -15.41 15.46
CA GLY D 171 9.94 -16.24 14.26
C GLY D 171 11.22 -16.35 13.50
N ALA D 172 11.04 -16.65 12.22
CA ALA D 172 12.15 -16.88 11.32
C ALA D 172 12.04 -16.11 10.01
N THR D 173 13.07 -15.57 9.36
CA THR D 173 14.42 -15.59 9.88
C THR D 173 14.88 -14.17 10.22
N ALA D 174 15.86 -13.98 11.09
CA ALA D 174 16.44 -12.66 11.37
C ALA D 174 16.92 -11.93 10.10
N ALA D 175 17.49 -12.69 9.17
CA ALA D 175 18.06 -12.16 7.95
C ALA D 175 17.06 -12.15 6.80
N GLY D 176 15.81 -12.60 7.01
CA GLY D 176 14.80 -12.59 5.96
C GLY D 176 13.55 -11.90 6.48
N CYS D 177 12.51 -12.72 6.64
CA CYS D 177 11.21 -12.27 7.08
C CYS D 177 11.06 -11.47 8.37
N VAL D 178 11.83 -11.69 9.44
CA VAL D 178 11.66 -10.91 10.67
C VAL D 178 12.13 -9.46 10.47
N ARG D 179 13.33 -9.21 9.90
CA ARG D 179 13.77 -7.83 9.74
C ARG D 179 12.84 -7.02 8.85
N HIS D 180 12.46 -7.49 7.65
CA HIS D 180 11.61 -6.74 6.77
C HIS D 180 10.27 -6.46 7.44
N THR D 181 9.70 -7.39 8.19
CA THR D 181 8.47 -7.14 8.91
C THR D 181 8.67 -6.04 9.92
N VAL D 182 9.69 -6.12 10.76
CA VAL D 182 9.91 -5.12 11.79
C VAL D 182 10.01 -3.74 11.18
N GLU D 183 10.82 -3.54 10.14
CA GLU D 183 10.96 -2.18 9.67
C GLU D 183 9.74 -1.68 8.88
N ASP D 184 8.96 -2.58 8.31
CA ASP D 184 7.71 -2.19 7.69
C ASP D 184 6.78 -1.73 8.80
N ALA D 185 6.79 -2.40 9.96
CA ALA D 185 5.93 -2.05 11.07
C ALA D 185 6.16 -0.65 11.59
N ILE D 186 7.40 -0.25 11.89
CA ILE D 186 7.64 1.08 12.43
C ILE D 186 7.33 2.17 11.39
N ALA D 187 7.59 1.88 10.14
CA ALA D 187 7.30 2.80 9.06
C ALA D 187 5.80 3.05 9.03
N LYS D 188 4.95 2.03 9.04
CA LYS D 188 3.51 2.21 8.98
C LYS D 188 2.92 2.76 10.27
N GLY D 189 3.58 2.58 11.40
CA GLY D 189 3.13 3.20 12.63
C GLY D 189 2.85 2.25 13.77
N PHE D 190 3.52 1.10 13.86
CA PHE D 190 3.27 0.15 14.92
C PHE D 190 4.63 -0.05 15.57
N ARG D 191 4.73 0.12 16.90
CA ARG D 191 5.95 -0.03 17.67
C ARG D 191 6.46 -1.48 17.71
N PRO D 192 7.56 -1.89 17.07
CA PRO D 192 8.01 -3.26 17.06
C PRO D 192 8.82 -3.68 18.29
N ILE D 193 8.44 -4.73 19.01
CA ILE D 193 9.24 -5.22 20.11
C ILE D 193 9.61 -6.65 19.70
N ILE D 194 10.90 -6.96 19.71
CA ILE D 194 11.42 -8.25 19.27
C ILE D 194 11.90 -9.00 20.51
N PRO D 195 11.29 -10.12 20.99
CA PRO D 195 11.87 -10.95 22.05
C PRO D 195 13.00 -11.79 21.48
N ARG D 196 14.21 -11.41 21.86
CA ARG D 196 15.46 -12.00 21.39
C ARG D 196 15.50 -13.52 21.15
N GLU D 197 15.01 -14.23 22.16
CA GLU D 197 15.04 -15.69 22.17
C GLU D 197 14.04 -16.31 21.24
N THR D 198 13.14 -15.61 20.59
CA THR D 198 12.19 -16.29 19.72
C THR D 198 12.55 -16.14 18.26
N ILE D 199 13.74 -15.59 17.99
CA ILE D 199 14.17 -15.30 16.63
C ILE D 199 15.17 -16.36 16.19
N GLY D 200 15.01 -16.92 15.01
CA GLY D 200 15.92 -17.95 14.57
C GLY D 200 16.40 -17.67 13.17
N ASP D 201 17.44 -18.40 12.80
CA ASP D 201 17.96 -18.33 11.46
C ASP D 201 18.75 -19.62 11.18
N ARG D 202 19.44 -19.75 10.06
CA ARG D 202 20.11 -20.98 9.74
C ARG D 202 21.57 -20.82 9.33
N VAL D 203 22.25 -19.68 9.41
CA VAL D 203 23.67 -19.54 9.04
C VAL D 203 24.31 -18.69 10.15
N PRO D 204 25.65 -18.59 10.37
CA PRO D 204 26.21 -17.86 11.49
C PRO D 204 26.13 -16.35 11.45
N GLY D 205 26.20 -15.71 12.62
CA GLY D 205 26.23 -14.26 12.69
C GLY D 205 24.94 -13.51 12.41
N VAL D 206 24.13 -13.89 11.41
CA VAL D 206 22.92 -13.15 11.04
C VAL D 206 21.96 -12.83 12.15
N VAL D 207 21.71 -13.72 13.12
CA VAL D 207 20.79 -13.37 14.19
C VAL D 207 21.39 -12.21 14.96
N GLN D 208 22.68 -12.30 15.30
CA GLN D 208 23.33 -11.26 16.06
C GLN D 208 23.36 -9.93 15.35
N TRP D 209 23.86 -9.87 14.12
CA TRP D 209 24.00 -8.58 13.48
C TRP D 209 22.67 -8.02 13.03
N ASN D 210 21.68 -8.85 12.67
CA ASN D 210 20.39 -8.32 12.28
C ASN D 210 19.67 -7.81 13.51
N LEU D 211 19.74 -8.44 14.68
CA LEU D 211 19.12 -7.87 15.86
C LEU D 211 19.72 -6.54 16.30
N TYR D 212 21.05 -6.42 16.16
CA TYR D 212 21.78 -5.20 16.45
C TYR D 212 21.25 -4.11 15.54
N ASP D 213 21.21 -4.35 14.22
CA ASP D 213 20.73 -3.34 13.29
C ASP D 213 19.28 -2.91 13.56
N ILE D 214 18.39 -3.87 13.85
CA ILE D 214 17.01 -3.55 14.21
C ILE D 214 17.00 -2.67 15.45
N ASP D 215 17.69 -3.03 16.52
CA ASP D 215 17.65 -2.25 17.75
C ASP D 215 18.17 -0.84 17.59
N ASN D 216 19.04 -0.65 16.60
CA ASN D 216 19.62 0.65 16.37
C ASN D 216 18.67 1.62 15.70
N LYS D 217 17.86 1.18 14.74
CA LYS D 217 16.99 2.07 13.99
C LYS D 217 15.54 1.63 13.80
N PHE D 218 15.09 0.46 14.24
CA PHE D 218 13.77 0.03 13.85
C PHE D 218 12.91 -0.60 14.92
N GLY D 219 13.39 -1.04 16.08
CA GLY D 219 12.50 -1.61 17.08
C GLY D 219 13.29 -1.84 18.34
N ASP D 220 12.68 -2.26 19.45
CA ASP D 220 13.43 -2.57 20.64
C ASP D 220 13.57 -4.07 20.79
N VAL D 221 14.81 -4.56 20.94
CA VAL D 221 15.07 -5.98 21.12
C VAL D 221 15.07 -6.15 22.64
N GLU D 222 14.21 -7.03 23.15
CA GLU D 222 14.00 -7.22 24.58
C GLU D 222 14.22 -8.68 24.90
N SER D 223 14.14 -9.08 26.16
CA SER D 223 14.17 -10.49 26.52
C SER D 223 12.71 -10.97 26.45
N THR D 224 12.47 -12.27 26.32
CA THR D 224 11.12 -12.81 26.34
C THR D 224 10.55 -12.52 27.73
N ASP D 225 11.39 -12.55 28.77
CA ASP D 225 11.00 -12.23 30.14
C ASP D 225 10.33 -10.87 30.22
N SER D 226 10.92 -9.83 29.61
CA SER D 226 10.32 -8.52 29.61
C SER D 226 9.01 -8.48 28.86
N VAL D 227 8.89 -9.18 27.74
CA VAL D 227 7.65 -9.20 27.01
C VAL D 227 6.56 -9.92 27.81
N VAL D 228 6.83 -11.11 28.36
CA VAL D 228 5.86 -11.82 29.18
C VAL D 228 5.42 -10.94 30.37
N GLN D 229 6.36 -10.26 31.02
CA GLN D 229 6.05 -9.37 32.13
C GLN D 229 5.19 -8.20 31.68
N TYR D 230 5.40 -7.66 30.47
CA TYR D 230 4.61 -6.57 29.93
C TYR D 230 3.19 -7.08 29.77
N LEU D 231 3.02 -8.18 29.02
CA LEU D 231 1.71 -8.77 28.80
C LEU D 231 1.02 -9.19 30.09
N ASP D 232 1.77 -9.63 31.09
CA ASP D 232 1.16 -10.01 32.36
C ASP D 232 0.73 -8.78 33.13
N ALA D 233 1.32 -7.61 32.95
CA ALA D 233 0.86 -6.44 33.68
C ALA D 233 -0.17 -5.68 32.89
N LEU D 234 -0.56 -6.16 31.71
CA LEU D 234 -1.49 -5.46 30.86
C LEU D 234 -2.92 -5.51 31.41
N PRO D 235 -3.81 -4.55 31.19
CA PRO D 235 -5.23 -4.77 31.39
C PRO D 235 -5.75 -5.73 30.34
N GLN D 236 -6.99 -6.19 30.48
CA GLN D 236 -7.59 -7.04 29.47
C GLN D 236 -7.61 -6.24 28.18
N PHE D 237 -7.43 -6.89 27.04
CA PHE D 237 -7.32 -6.21 25.76
C PHE D 237 -8.49 -5.29 25.43
N GLU D 238 -9.70 -5.71 25.75
CA GLU D 238 -10.89 -4.89 25.54
C GLU D 238 -10.79 -3.51 26.20
N ASP D 239 -10.02 -3.36 27.28
CA ASP D 239 -9.87 -2.10 27.96
C ASP D 239 -8.64 -1.31 27.55
N THR D 240 -7.79 -1.78 26.63
CA THR D 240 -6.59 -1.04 26.31
C THR D 240 -6.93 0.04 25.29
N VAL D 241 -6.18 1.13 25.24
CA VAL D 241 -6.38 2.19 24.26
C VAL D 241 -4.97 2.54 23.82
N PRO D 242 -4.68 2.85 22.56
CA PRO D 242 -3.33 3.11 22.09
C PRO D 242 -2.73 4.43 22.52
N LYS D 243 -1.41 4.44 22.71
CA LYS D 243 -0.69 5.68 22.91
C LYS D 243 -0.81 6.42 21.57
N THR D 244 -1.32 7.64 21.60
CA THR D 244 -1.58 8.39 20.39
C THR D 244 -0.39 9.00 19.64
N LEU D 245 0.75 9.20 20.29
CA LEU D 245 1.91 9.78 19.64
C LEU D 245 3.13 9.08 20.19
N SER D 246 4.29 9.38 19.61
CA SER D 246 5.56 8.83 20.04
C SER D 246 5.88 9.26 21.46
N ASP D 247 6.68 8.46 22.14
CA ASP D 247 7.17 8.79 23.47
C ASP D 247 8.18 9.91 23.26
N PRO D 248 8.29 10.96 24.09
CA PRO D 248 9.30 12.00 24.00
C PRO D 248 10.70 11.41 24.09
N GLN D 249 11.55 11.98 23.27
CA GLN D 249 12.91 11.54 23.18
C GLN D 249 13.82 12.66 23.66
N PRO D 250 15.04 12.40 24.15
CA PRO D 250 16.11 13.38 24.25
C PRO D 250 16.45 13.89 22.85
N GLU D 251 16.01 15.10 22.52
CA GLU D 251 16.23 15.65 21.20
C GLU D 251 17.59 16.27 20.94
N VAL D 252 18.06 16.05 19.72
CA VAL D 252 19.31 16.59 19.20
C VAL D 252 18.85 17.77 18.34
N GLU D 253 19.65 18.83 18.34
CA GLU D 253 19.35 20.05 17.61
C GLU D 253 19.76 19.92 16.15
N ALA D 254 18.98 20.46 15.23
CA ALA D 254 19.33 20.46 13.83
C ALA D 254 20.60 21.29 13.64
N PRO D 255 21.60 20.84 12.86
CA PRO D 255 22.74 21.65 12.45
C PRO D 255 22.30 22.88 11.67
N ALA D 256 22.89 24.01 12.02
CA ALA D 256 22.62 25.27 11.35
C ALA D 256 23.09 25.22 9.90
N ASP D 257 22.34 25.91 9.04
CA ASP D 257 22.68 25.98 7.63
C ASP D 257 23.83 26.95 7.46
N PRO D 258 24.80 26.71 6.58
CA PRO D 258 25.76 27.72 6.13
C PRO D 258 25.14 28.95 5.45
N VAL D 259 24.03 28.73 4.76
CA VAL D 259 23.31 29.79 4.05
C VAL D 259 21.94 29.21 3.71
S SO4 E . -11.97 15.76 -10.29
O1 SO4 E . -12.98 15.64 -11.27
O2 SO4 E . -11.64 17.13 -10.17
O3 SO4 E . -12.33 15.26 -9.00
O4 SO4 E . -10.85 15.05 -10.73
S SO4 F . -21.42 -5.00 -2.78
O1 SO4 F . -22.59 -4.24 -2.59
O2 SO4 F . -21.80 -6.35 -2.79
O3 SO4 F . -20.78 -4.67 -4.00
O4 SO4 F . -20.49 -4.76 -1.73
S SO4 G . 19.85 6.19 7.57
O1 SO4 G . 20.48 5.64 8.70
O2 SO4 G . 20.56 7.36 7.22
O3 SO4 G . 19.81 5.27 6.47
O4 SO4 G . 18.53 6.54 7.90
S SO4 H . 13.35 -16.84 5.24
O1 SO4 H . 14.73 -16.98 5.10
O2 SO4 H . 12.81 -18.07 5.68
O3 SO4 H . 13.03 -15.85 6.22
O4 SO4 H . 12.76 -16.50 4.00
#